data_8ZJ3
#
_entry.id   8ZJ3
#
_cell.length_a   86.831
_cell.length_b   94.332
_cell.length_c   168.433
_cell.angle_alpha   90
_cell.angle_beta   90
_cell.angle_gamma   90
#
_symmetry.space_group_name_H-M   'P 2 21 21'
#
loop_
_entity.id
_entity.type
_entity.pdbx_description
1 polymer '4-hydroxythreonine-4-phosphate dehydrogenase'
2 non-polymer 1,2-ETHANEDIOL
3 non-polymer 'ZINC ION'
4 non-polymer 'MAGNESIUM ION'
5 non-polymer 'P-HYDROXYBENZOIC ACID'
6 non-polymer GLYCEROL
7 water water
#
_entity_poly.entity_id   1
_entity_poly.type   'polypeptide(L)'
_entity_poly.pdbx_seq_one_letter_code
;AMTIVHRRLALAIGDPHGIGPEIALKALQQLSATERSLIKVYGPWSALEQAAQICQMESLLQDLIHEEAGSLAQPVQCGE
ITPQAGLSTVQSATAAIRACESGEVDAVIACPHHETAIHRAGIAFSGYPSLLANVLGMNEDEVFLMLVGAGLRIVHVTLH
ESVRSALERLSPQLVINAVDAAVQTCTLLGVPKPQVAVFGINPHASEGQLFGLEDSQITVPAVETLRKRGLTVDGPMGAD
MVLAQRKHDLYVAMLHDQGHIPIKLLAPNGASALSIGGRVVLSSVGHGSAMDIAGRGVADATALLRTIALLGAQPV
;
_entity_poly.pdbx_strand_id   A,B,C,D
#
loop_
_chem_comp.id
_chem_comp.type
_chem_comp.name
_chem_comp.formula
EDO non-polymer 1,2-ETHANEDIOL 'C2 H6 O2'
GOL non-polymer GLYCEROL 'C3 H8 O3'
MG non-polymer 'MAGNESIUM ION' 'Mg 2'
PHB non-polymer 'P-HYDROXYBENZOIC ACID' 'C7 H6 O3'
ZN non-polymer 'ZINC ION' 'Zn 2'
#
# COMPACT_ATOMS: atom_id res chain seq x y z
N MET A 2 47.82 -2.91 20.36
CA MET A 2 47.15 -3.60 19.22
C MET A 2 45.91 -2.80 18.81
N THR A 3 46.17 -1.72 18.05
CA THR A 3 45.14 -0.78 17.61
C THR A 3 44.80 -1.09 16.16
N ILE A 4 43.51 -1.34 15.86
CA ILE A 4 43.16 -1.73 14.50
C ILE A 4 42.29 -0.67 13.81
N VAL A 5 41.78 0.32 14.56
CA VAL A 5 40.89 1.32 14.01
C VAL A 5 41.58 2.68 13.95
N HIS A 6 41.92 3.14 12.74
CA HIS A 6 42.69 4.38 12.63
C HIS A 6 41.91 5.46 11.89
N ARG A 7 40.58 5.33 11.81
CA ARG A 7 39.75 6.31 11.14
C ARG A 7 38.28 6.14 11.54
N ARG A 8 37.46 7.14 11.19
CA ARG A 8 36.04 7.13 11.51
C ARG A 8 35.33 6.14 10.62
N LEU A 9 34.46 5.31 11.20
CA LEU A 9 33.70 4.31 10.46
C LEU A 9 32.24 4.34 10.89
N ALA A 10 31.35 3.91 9.99
CA ALA A 10 29.96 3.66 10.34
C ALA A 10 29.73 2.17 10.42
N LEU A 11 28.98 1.71 11.44
CA LEU A 11 28.65 0.31 11.62
C LEU A 11 27.13 0.19 11.70
N ALA A 12 26.55 -0.33 10.62
CA ALA A 12 25.12 -0.63 10.57
C ALA A 12 24.91 -2.03 11.10
N ILE A 13 23.93 -2.21 11.99
CA ILE A 13 23.90 -3.41 12.82
C ILE A 13 23.13 -4.51 12.10
N GLY A 14 22.60 -4.22 10.92
CA GLY A 14 22.01 -5.25 10.11
C GLY A 14 20.60 -5.59 10.58
N ASP A 15 20.22 -6.85 10.34
CA ASP A 15 18.93 -7.33 10.76
C ASP A 15 18.86 -7.34 12.28
N PRO A 16 17.97 -6.55 12.89
CA PRO A 16 17.91 -6.43 14.35
C PRO A 16 17.42 -7.69 15.07
N HIS A 17 16.92 -8.66 14.29
CA HIS A 17 16.44 -9.92 14.80
C HIS A 17 17.52 -11.01 14.66
N GLY A 18 18.57 -10.74 13.90
CA GLY A 18 19.67 -11.69 13.73
C GLY A 18 20.82 -11.41 14.70
N ILE A 19 22.02 -11.87 14.31
CA ILE A 19 23.18 -11.80 15.17
C ILE A 19 23.93 -10.48 15.01
N GLY A 20 23.45 -9.61 14.12
CA GLY A 20 24.14 -8.36 13.82
C GLY A 20 24.40 -7.53 15.08
N PRO A 21 23.33 -7.14 15.81
CA PRO A 21 23.50 -6.34 17.03
C PRO A 21 24.51 -6.96 18.01
N GLU A 22 24.38 -8.28 18.25
CA GLU A 22 25.23 -9.03 19.15
C GLU A 22 26.69 -8.89 18.72
N ILE A 23 26.99 -9.20 17.45
CA ILE A 23 28.37 -9.17 16.99
C ILE A 23 28.89 -7.73 16.95
N ALA A 24 28.01 -6.75 16.76
CA ALA A 24 28.46 -5.37 16.89
C ALA A 24 28.98 -5.12 18.30
N LEU A 25 28.19 -5.45 19.32
CA LEU A 25 28.60 -5.26 20.71
C LEU A 25 29.88 -6.01 21.02
N LYS A 26 29.99 -7.26 20.57
CA LYS A 26 31.13 -8.08 20.92
C LYS A 26 32.41 -7.51 20.32
N ALA A 27 32.31 -6.97 19.11
CA ALA A 27 33.45 -6.36 18.42
C ALA A 27 33.89 -5.07 19.12
N LEU A 28 32.93 -4.20 19.47
CA LEU A 28 33.24 -2.92 20.10
C LEU A 28 33.88 -3.18 21.46
N GLN A 29 33.34 -4.15 22.21
CA GLN A 29 33.88 -4.59 23.49
C GLN A 29 35.38 -4.82 23.38
N GLN A 30 35.83 -5.42 22.28
CA GLN A 30 37.21 -5.83 22.11
C GLN A 30 38.12 -4.63 21.78
N LEU A 31 37.52 -3.49 21.40
CA LEU A 31 38.30 -2.33 21.04
C LEU A 31 38.67 -1.52 22.29
N SER A 32 39.65 -0.62 22.16
CA SER A 32 39.92 0.33 23.22
C SER A 32 38.78 1.35 23.29
N ALA A 33 38.81 2.24 24.29
CA ALA A 33 37.78 3.27 24.45
C ALA A 33 37.92 4.31 23.35
N THR A 34 39.16 4.69 23.05
CA THR A 34 39.51 5.60 21.96
C THR A 34 39.00 5.07 20.63
N GLU A 35 39.13 3.75 20.42
CA GLU A 35 38.75 3.13 19.16
C GLU A 35 37.24 3.10 18.99
N ARG A 36 36.51 2.88 20.09
CA ARG A 36 35.06 2.79 20.06
C ARG A 36 34.49 4.14 19.68
N SER A 37 35.18 5.20 20.10
CA SER A 37 34.69 6.56 19.89
C SER A 37 34.78 6.94 18.41
N LEU A 38 35.52 6.15 17.62
CA LEU A 38 35.67 6.36 16.19
C LEU A 38 34.66 5.53 15.40
N ILE A 39 33.86 4.71 16.08
CA ILE A 39 32.89 3.88 15.38
C ILE A 39 31.48 4.31 15.76
N LYS A 40 30.77 4.89 14.80
CA LYS A 40 29.40 5.34 14.99
C LYS A 40 28.45 4.25 14.49
N VAL A 41 27.45 3.96 15.33
CA VAL A 41 26.60 2.79 15.16
C VAL A 41 25.24 3.23 14.67
N TYR A 42 24.73 2.55 13.64
CA TYR A 42 23.45 2.89 13.06
C TYR A 42 22.52 1.70 13.19
N GLY A 43 21.37 1.95 13.81
CA GLY A 43 20.42 0.89 14.10
C GLY A 43 19.42 1.30 15.16
N PRO A 44 18.36 0.50 15.36
CA PRO A 44 17.43 0.71 16.47
C PRO A 44 18.10 0.47 17.82
N TRP A 45 17.94 1.44 18.72
CA TRP A 45 18.49 1.32 20.06
C TRP A 45 17.87 0.13 20.78
N SER A 46 16.62 -0.20 20.44
CA SER A 46 15.90 -1.27 21.10
C SER A 46 16.61 -2.62 20.93
N ALA A 47 17.33 -2.78 19.80
CA ALA A 47 17.98 -4.04 19.47
C ALA A 47 19.35 -4.13 20.14
N LEU A 48 20.02 -2.99 20.30
CA LEU A 48 21.29 -2.93 20.98
C LEU A 48 21.04 -3.16 22.47
N GLU A 49 19.89 -2.70 22.96
CA GLU A 49 19.47 -2.92 24.34
C GLU A 49 19.30 -4.43 24.61
N GLN A 50 18.51 -5.07 23.73
CA GLN A 50 18.28 -6.52 23.76
C GLN A 50 19.58 -7.32 23.71
N ALA A 51 20.45 -7.01 22.74
CA ALA A 51 21.73 -7.70 22.61
C ALA A 51 22.61 -7.48 23.83
N ALA A 52 22.55 -6.29 24.44
CA ALA A 52 23.41 -5.96 25.56
C ALA A 52 23.01 -6.75 26.81
N GLN A 53 21.70 -6.92 27.03
CA GLN A 53 21.21 -7.71 28.15
C GLN A 53 21.67 -9.16 27.97
N ILE A 54 21.51 -9.68 26.75
CA ILE A 54 21.92 -11.04 26.41
C ILE A 54 23.42 -11.27 26.65
N CYS A 55 24.28 -10.42 26.03
CA CYS A 55 25.72 -10.57 26.10
C CYS A 55 26.30 -10.06 27.41
N GLN A 56 25.46 -9.39 28.23
CA GLN A 56 25.90 -8.85 29.51
C GLN A 56 26.92 -7.74 29.24
N MET A 57 26.50 -6.71 28.48
CA MET A 57 27.39 -5.64 28.05
C MET A 57 26.65 -4.30 28.14
N GLU A 58 25.71 -4.16 29.07
CA GLU A 58 25.01 -2.89 29.26
C GLU A 58 26.01 -1.82 29.71
N SER A 59 27.10 -2.25 30.35
CA SER A 59 28.24 -1.42 30.66
C SER A 59 28.72 -0.65 29.43
N LEU A 60 28.50 -1.17 28.23
CA LEU A 60 29.17 -0.66 27.04
C LEU A 60 28.35 0.42 26.34
N LEU A 61 27.03 0.45 26.58
CA LEU A 61 26.10 1.25 25.79
C LEU A 61 26.33 2.73 26.04
N GLN A 62 26.65 3.10 27.29
CA GLN A 62 26.77 4.51 27.65
C GLN A 62 28.00 5.13 27.00
N ASP A 63 28.96 4.31 26.56
CA ASP A 63 30.18 4.79 25.93
C ASP A 63 30.10 4.58 24.42
N LEU A 64 28.89 4.67 23.84
CA LEU A 64 28.70 4.27 22.46
C LEU A 64 28.24 5.47 21.65
N ILE A 65 28.90 5.74 20.53
CA ILE A 65 28.36 6.72 19.60
C ILE A 65 27.26 6.01 18.81
N HIS A 66 26.06 6.57 18.82
CA HIS A 66 24.89 5.92 18.21
C HIS A 66 23.97 6.94 17.54
N GLU A 67 23.35 6.51 16.45
CA GLU A 67 22.30 7.28 15.81
C GLU A 67 21.14 6.33 15.56
N GLU A 68 19.97 6.67 16.09
CA GLU A 68 18.76 5.91 15.84
C GLU A 68 18.54 5.85 14.33
N ALA A 69 18.24 4.64 13.85
CA ALA A 69 17.91 4.38 12.45
C ALA A 69 17.24 3.03 12.39
N GLY A 70 16.20 2.89 11.57
CA GLY A 70 15.49 1.61 11.48
C GLY A 70 14.83 1.26 12.80
N SER A 71 14.21 2.28 13.41
CA SER A 71 13.41 2.12 14.60
C SER A 71 12.30 1.12 14.31
N LEU A 72 11.92 0.39 15.35
CA LEU A 72 10.83 -0.58 15.29
C LEU A 72 9.58 -0.01 15.94
N ALA A 73 8.43 -0.60 15.57
CA ALA A 73 7.13 -0.23 16.11
C ALA A 73 6.65 -1.23 17.16
N GLN A 74 7.45 -2.29 17.38
CA GLN A 74 7.08 -3.37 18.29
C GLN A 74 8.36 -3.96 18.86
N PRO A 75 8.31 -4.73 19.96
CA PRO A 75 9.52 -5.32 20.55
C PRO A 75 10.27 -6.21 19.57
N VAL A 76 11.59 -6.30 19.77
CA VAL A 76 12.44 -7.17 19.00
C VAL A 76 12.05 -8.64 19.28
N GLN A 77 12.06 -9.45 18.22
CA GLN A 77 11.80 -10.88 18.29
C GLN A 77 13.00 -11.62 17.71
N CYS A 78 13.94 -12.07 18.54
CA CYS A 78 15.14 -12.74 18.06
C CYS A 78 14.78 -14.01 17.29
N GLY A 79 15.45 -14.23 16.14
CA GLY A 79 15.28 -15.46 15.37
C GLY A 79 14.18 -15.40 14.30
N GLU A 80 13.37 -14.34 14.34
CA GLU A 80 12.16 -14.25 13.51
C GLU A 80 12.41 -13.41 12.27
N ILE A 81 11.94 -13.91 11.12
CA ILE A 81 12.02 -13.19 9.84
C ILE A 81 10.77 -12.34 9.68
N THR A 82 10.92 -11.02 9.78
CA THR A 82 9.76 -10.12 9.75
C THR A 82 10.04 -8.99 8.80
N PRO A 83 9.05 -8.53 7.99
CA PRO A 83 9.25 -7.41 7.08
C PRO A 83 9.79 -6.16 7.77
N GLN A 84 9.38 -5.91 9.02
CA GLN A 84 9.83 -4.70 9.71
C GLN A 84 11.32 -4.77 9.98
N ALA A 85 11.87 -5.96 10.17
CA ALA A 85 13.27 -6.11 10.48
C ALA A 85 14.10 -5.91 9.21
N GLY A 86 13.49 -6.25 8.07
CA GLY A 86 14.10 -6.05 6.76
C GLY A 86 14.18 -4.57 6.38
N LEU A 87 13.13 -3.82 6.71
CA LEU A 87 13.12 -2.39 6.53
C LEU A 87 14.18 -1.74 7.42
N SER A 88 14.18 -2.11 8.71
CA SER A 88 15.18 -1.64 9.65
C SER A 88 16.57 -1.78 9.03
N THR A 89 16.80 -2.96 8.42
CA THR A 89 18.12 -3.34 7.93
C THR A 89 18.57 -2.31 6.90
N VAL A 90 17.68 -2.03 5.94
CA VAL A 90 17.97 -1.13 4.85
C VAL A 90 18.07 0.29 5.35
N GLN A 91 17.18 0.69 6.26
CA GLN A 91 17.15 2.05 6.75
C GLN A 91 18.47 2.39 7.44
N SER A 92 18.98 1.41 8.20
CA SER A 92 20.16 1.63 9.01
C SER A 92 21.40 1.64 8.11
N ALA A 93 21.44 0.77 7.11
CA ALA A 93 22.57 0.75 6.19
C ALA A 93 22.54 2.00 5.34
N THR A 94 21.34 2.48 5.02
CA THR A 94 21.13 3.67 4.21
C THR A 94 21.60 4.89 5.02
N ALA A 95 21.36 4.88 6.33
CA ALA A 95 21.79 5.95 7.22
C ALA A 95 23.31 5.99 7.32
N ALA A 96 23.94 4.82 7.37
CA ALA A 96 25.39 4.74 7.48
C ALA A 96 26.06 5.18 6.17
N ILE A 97 25.51 4.76 5.04
CA ILE A 97 26.04 5.13 3.74
C ILE A 97 26.00 6.66 3.60
N ARG A 98 24.92 7.29 4.08
CA ARG A 98 24.71 8.72 3.86
C ARG A 98 25.69 9.51 4.70
N ALA A 99 26.07 8.93 5.85
CA ALA A 99 27.08 9.53 6.70
C ALA A 99 28.43 9.49 6.00
N CYS A 100 28.64 8.48 5.13
CA CYS A 100 29.89 8.35 4.38
C CYS A 100 29.87 9.32 3.19
N GLU A 101 28.73 9.43 2.51
CA GLU A 101 28.59 10.35 1.38
C GLU A 101 28.82 11.80 1.80
N SER A 102 28.30 12.17 2.98
CA SER A 102 28.43 13.53 3.48
C SER A 102 29.82 13.74 4.06
N GLY A 103 30.49 12.66 4.48
CA GLY A 103 31.86 12.74 4.97
C GLY A 103 31.97 12.71 6.50
N GLU A 104 30.89 12.38 7.19
CA GLU A 104 30.94 12.18 8.63
C GLU A 104 31.88 11.02 8.96
N VAL A 105 31.89 9.96 8.13
CA VAL A 105 32.77 8.81 8.32
C VAL A 105 33.48 8.52 7.00
N ASP A 106 34.45 7.62 7.05
CA ASP A 106 35.36 7.37 5.95
C ASP A 106 35.04 6.06 5.24
N ALA A 107 34.32 5.14 5.91
CA ALA A 107 33.85 3.94 5.26
C ALA A 107 32.72 3.34 6.09
N VAL A 108 32.07 2.32 5.53
CA VAL A 108 30.91 1.70 6.16
C VAL A 108 31.15 0.19 6.28
N ILE A 109 30.71 -0.38 7.39
CA ILE A 109 30.59 -1.82 7.54
C ILE A 109 29.13 -2.13 7.79
N ALA A 110 28.61 -3.16 7.12
CA ALA A 110 27.24 -3.61 7.31
C ALA A 110 27.25 -5.02 7.91
N CYS A 111 26.67 -5.15 9.11
CA CYS A 111 26.45 -6.45 9.73
C CYS A 111 25.42 -7.17 8.88
N PRO A 112 25.21 -8.49 9.11
CA PRO A 112 24.39 -9.30 8.21
C PRO A 112 22.91 -8.93 8.09
N HIS A 113 22.44 -9.03 6.86
CA HIS A 113 21.06 -8.80 6.49
C HIS A 113 20.44 -10.17 6.28
N HIS A 114 19.11 -10.23 6.29
CA HIS A 114 18.41 -11.40 5.83
C HIS A 114 17.63 -11.06 4.56
N GLU A 115 17.96 -11.73 3.46
CA GLU A 115 17.48 -11.34 2.14
C GLU A 115 15.95 -11.47 2.08
N THR A 116 15.42 -12.50 2.78
CA THR A 116 14.00 -12.76 2.73
C THR A 116 13.26 -11.61 3.44
N ALA A 117 13.81 -11.18 4.58
CA ALA A 117 13.19 -10.14 5.40
C ALA A 117 13.05 -8.89 4.57
N ILE A 118 14.11 -8.54 3.85
CA ILE A 118 14.14 -7.33 3.06
C ILE A 118 13.09 -7.47 1.98
N HIS A 119 13.03 -8.65 1.36
CA HIS A 119 12.13 -8.86 0.23
C HIS A 119 10.68 -8.75 0.71
N ARG A 120 10.38 -9.35 1.86
CA ARG A 120 9.03 -9.35 2.38
C ARG A 120 8.53 -7.93 2.71
N ALA A 121 9.45 -6.96 2.80
CA ALA A 121 9.07 -5.58 3.08
C ALA A 121 8.78 -4.81 1.80
N GLY A 122 8.96 -5.49 0.65
CA GLY A 122 8.63 -4.93 -0.64
C GLY A 122 9.77 -4.10 -1.21
N ILE A 123 11.01 -4.40 -0.80
CA ILE A 123 12.20 -3.65 -1.18
C ILE A 123 13.06 -4.48 -2.11
N ALA A 124 13.40 -3.89 -3.26
CA ALA A 124 14.28 -4.52 -4.24
C ALA A 124 15.72 -4.50 -3.71
N PHE A 125 16.40 -5.64 -3.82
CA PHE A 125 17.72 -5.79 -3.24
C PHE A 125 18.43 -6.94 -3.93
N SER A 126 19.52 -6.61 -4.65
CA SER A 126 20.34 -7.59 -5.34
C SER A 126 21.78 -7.58 -4.80
N GLY A 127 21.91 -7.18 -3.52
CA GLY A 127 23.22 -7.05 -2.88
C GLY A 127 23.56 -5.58 -2.62
N TYR A 128 24.72 -5.40 -1.96
CA TYR A 128 25.13 -4.09 -1.50
C TYR A 128 25.47 -3.19 -2.68
N PRO A 129 26.11 -3.68 -3.77
CA PRO A 129 26.38 -2.84 -4.94
C PRO A 129 25.16 -2.07 -5.43
N SER A 130 24.01 -2.76 -5.52
CA SER A 130 22.79 -2.13 -5.99
C SER A 130 22.27 -1.11 -4.98
N LEU A 131 22.25 -1.48 -3.69
CA LEU A 131 21.71 -0.61 -2.65
C LEU A 131 22.45 0.72 -2.71
N LEU A 132 23.76 0.64 -2.83
CA LEU A 132 24.62 1.80 -2.77
C LEU A 132 24.40 2.68 -3.99
N ALA A 133 24.29 2.06 -5.16
CA ALA A 133 23.90 2.75 -6.39
C ALA A 133 22.61 3.54 -6.18
N ASN A 134 21.60 2.85 -5.63
CA ASN A 134 20.30 3.43 -5.35
C ASN A 134 20.43 4.67 -4.47
N VAL A 135 20.98 4.50 -3.26
CA VAL A 135 21.03 5.57 -2.25
C VAL A 135 21.83 6.78 -2.74
N LEU A 136 22.84 6.55 -3.59
CA LEU A 136 23.76 7.59 -3.99
C LEU A 136 23.30 8.33 -5.24
N GLY A 137 22.35 7.73 -5.97
CA GLY A 137 21.88 8.28 -7.24
C GLY A 137 22.83 7.96 -8.40
N MET A 138 23.33 6.73 -8.43
CA MET A 138 24.24 6.26 -9.46
C MET A 138 23.61 5.11 -10.26
N ASN A 139 24.03 5.00 -11.53
CA ASN A 139 23.72 3.83 -12.35
C ASN A 139 24.44 2.65 -11.73
N GLU A 140 23.80 1.49 -11.83
CA GLU A 140 24.26 0.32 -11.10
C GLU A 140 25.62 -0.15 -11.63
N ASP A 141 25.94 0.20 -12.90
CA ASP A 141 27.18 -0.19 -13.55
C ASP A 141 28.32 0.80 -13.29
N GLU A 142 28.14 1.77 -12.36
CA GLU A 142 29.26 2.51 -11.76
C GLU A 142 29.67 1.96 -10.38
N VAL A 143 29.08 0.85 -9.94
CA VAL A 143 29.34 0.42 -8.58
C VAL A 143 29.93 -0.98 -8.65
N PHE A 144 31.11 -1.16 -8.05
CA PHE A 144 31.92 -2.34 -8.31
C PHE A 144 32.18 -3.07 -7.01
N LEU A 145 32.41 -4.39 -7.11
CA LEU A 145 32.76 -5.24 -5.99
C LEU A 145 34.25 -5.58 -6.03
N MET A 146 34.99 -5.23 -4.96
CA MET A 146 36.37 -5.64 -4.81
C MET A 146 36.47 -6.71 -3.72
N LEU A 147 37.01 -7.89 -4.04
CA LEU A 147 37.30 -8.91 -3.04
C LEU A 147 38.73 -8.73 -2.54
N VAL A 148 38.89 -8.92 -1.23
CA VAL A 148 40.19 -8.79 -0.55
C VAL A 148 40.38 -10.02 0.32
N GLY A 149 41.50 -10.72 0.12
CA GLY A 149 41.75 -11.99 0.80
C GLY A 149 43.18 -12.44 0.54
N ALA A 150 43.90 -12.86 1.60
CA ALA A 150 45.23 -13.45 1.46
C ALA A 150 46.14 -12.58 0.59
N GLY A 151 46.14 -11.25 0.82
CA GLY A 151 47.03 -10.33 0.14
C GLY A 151 46.48 -9.83 -1.21
N LEU A 152 45.52 -10.55 -1.78
CA LEU A 152 44.99 -10.24 -3.10
C LEU A 152 43.86 -9.23 -2.99
N ARG A 153 43.92 -8.20 -3.82
CA ARG A 153 42.82 -7.29 -4.00
C ARG A 153 42.42 -7.36 -5.47
N ILE A 154 41.15 -7.71 -5.73
CA ILE A 154 40.67 -7.94 -7.09
C ILE A 154 39.34 -7.22 -7.25
N VAL A 155 39.29 -6.21 -8.11
CA VAL A 155 38.05 -5.53 -8.46
C VAL A 155 37.51 -6.20 -9.71
N HIS A 156 36.18 -6.24 -9.84
CA HIS A 156 35.50 -6.93 -10.90
C HIS A 156 34.79 -5.89 -11.76
N VAL A 157 35.00 -5.95 -13.09
CA VAL A 157 34.37 -5.00 -13.99
C VAL A 157 32.89 -5.38 -14.16
N THR A 158 32.64 -6.69 -14.24
CA THR A 158 31.28 -7.21 -14.22
C THR A 158 31.16 -8.21 -13.07
N LEU A 159 29.93 -8.55 -12.69
CA LEU A 159 29.69 -9.35 -11.51
C LEU A 159 28.55 -10.33 -11.78
N HIS A 160 27.38 -10.08 -11.19
CA HIS A 160 26.35 -11.10 -11.11
C HIS A 160 25.47 -11.05 -12.35
N GLU A 161 25.96 -11.67 -13.42
CA GLU A 161 25.20 -11.80 -14.66
C GLU A 161 25.85 -12.90 -15.49
N SER A 162 25.21 -13.29 -16.60
CA SER A 162 25.71 -14.36 -17.44
C SER A 162 26.96 -13.88 -18.15
N VAL A 163 27.79 -14.84 -18.59
CA VAL A 163 29.07 -14.55 -19.21
C VAL A 163 28.82 -13.77 -20.48
N ARG A 164 27.82 -14.20 -21.26
CA ARG A 164 27.45 -13.51 -22.49
C ARG A 164 27.11 -12.07 -22.16
N SER A 165 26.18 -11.85 -21.23
CA SER A 165 25.74 -10.52 -20.83
C SER A 165 26.90 -9.65 -20.36
N ALA A 166 27.88 -10.25 -19.66
CA ALA A 166 29.06 -9.53 -19.19
C ALA A 166 29.88 -9.06 -20.40
N LEU A 167 30.08 -9.98 -21.37
CA LEU A 167 30.90 -9.70 -22.52
C LEU A 167 30.28 -8.60 -23.38
N GLU A 168 28.93 -8.58 -23.42
CA GLU A 168 28.18 -7.67 -24.26
C GLU A 168 28.23 -6.24 -23.70
N ARG A 169 28.50 -6.05 -22.40
CA ARG A 169 28.53 -4.70 -21.84
C ARG A 169 29.97 -4.22 -21.61
N LEU A 170 30.95 -5.12 -21.72
CA LEU A 170 32.34 -4.76 -21.45
C LEU A 170 32.79 -3.69 -22.43
N SER A 171 33.27 -2.55 -21.93
CA SER A 171 33.79 -1.50 -22.81
C SER A 171 35.08 -0.91 -22.23
N PRO A 172 35.87 -0.16 -23.02
CA PRO A 172 37.03 0.56 -22.48
C PRO A 172 36.67 1.43 -21.28
N GLN A 173 35.55 2.16 -21.38
CA GLN A 173 35.14 3.06 -20.33
C GLN A 173 34.76 2.31 -19.04
N LEU A 174 34.16 1.13 -19.17
CA LEU A 174 33.71 0.38 -18.00
C LEU A 174 34.93 -0.10 -17.22
N VAL A 175 35.93 -0.62 -17.93
CA VAL A 175 37.18 -1.02 -17.31
C VAL A 175 37.79 0.18 -16.61
N ILE A 176 37.84 1.33 -17.27
CA ILE A 176 38.47 2.52 -16.68
C ILE A 176 37.79 2.82 -15.33
N ASN A 177 36.44 2.79 -15.31
CA ASN A 177 35.68 3.20 -14.14
C ASN A 177 36.05 2.30 -12.98
N ALA A 178 36.10 0.98 -13.25
CA ALA A 178 36.38 0.00 -12.22
C ALA A 178 37.74 0.24 -11.60
N VAL A 179 38.69 0.65 -12.44
CA VAL A 179 40.06 0.83 -11.99
C VAL A 179 40.14 2.06 -11.09
N ASP A 180 39.56 3.18 -11.53
CA ASP A 180 39.63 4.44 -10.78
C ASP A 180 38.87 4.30 -9.45
N ALA A 181 37.75 3.57 -9.48
CA ALA A 181 37.01 3.31 -8.26
C ALA A 181 37.87 2.49 -7.27
N ALA A 182 38.54 1.46 -7.80
CA ALA A 182 39.33 0.54 -6.98
C ALA A 182 40.61 1.19 -6.46
N VAL A 183 41.21 2.09 -7.27
CA VAL A 183 42.44 2.76 -6.92
C VAL A 183 42.15 3.68 -5.73
N GLN A 184 41.11 4.51 -5.86
CA GLN A 184 40.66 5.36 -4.74
C GLN A 184 40.46 4.49 -3.48
N THR A 185 39.81 3.33 -3.64
CA THR A 185 39.60 2.41 -2.54
C THR A 185 40.95 1.92 -1.98
N CYS A 186 41.96 1.76 -2.85
CA CYS A 186 43.27 1.30 -2.42
C CYS A 186 43.92 2.29 -1.43
N THR A 187 43.72 3.60 -1.66
CA THR A 187 44.22 4.63 -0.76
C THR A 187 43.69 4.36 0.65
N LEU A 188 42.38 4.11 0.77
CA LEU A 188 41.76 3.85 2.06
C LEU A 188 42.40 2.65 2.72
N LEU A 189 42.62 1.59 1.95
CA LEU A 189 43.14 0.34 2.48
C LEU A 189 44.61 0.47 2.87
N GLY A 190 45.27 1.56 2.42
CA GLY A 190 46.62 1.87 2.85
C GLY A 190 47.68 1.58 1.80
N VAL A 191 47.28 1.64 0.52
CA VAL A 191 48.23 1.50 -0.58
C VAL A 191 48.00 2.69 -1.51
N PRO A 192 48.63 3.86 -1.27
CA PRO A 192 48.23 5.10 -1.93
C PRO A 192 48.42 5.06 -3.44
N LYS A 193 49.57 4.55 -3.90
CA LYS A 193 49.86 4.50 -5.32
C LYS A 193 50.13 3.05 -5.72
N PRO A 194 49.07 2.27 -5.98
CA PRO A 194 49.20 0.83 -6.27
C PRO A 194 49.62 0.47 -7.69
N GLN A 195 50.29 -0.68 -7.81
CA GLN A 195 50.62 -1.27 -9.09
C GLN A 195 49.49 -2.22 -9.51
N VAL A 196 48.92 -1.94 -10.69
CA VAL A 196 47.69 -2.56 -11.16
C VAL A 196 48.00 -3.56 -12.27
N ALA A 197 47.38 -4.75 -12.19
CA ALA A 197 47.42 -5.70 -13.30
C ALA A 197 46.01 -5.93 -13.83
N VAL A 198 45.84 -5.88 -15.16
CA VAL A 198 44.55 -6.09 -15.77
C VAL A 198 44.49 -7.49 -16.41
N PHE A 199 43.45 -8.26 -16.08
CA PHE A 199 43.25 -9.57 -16.69
C PHE A 199 42.79 -9.41 -18.13
N GLY A 200 43.15 -10.37 -18.97
CA GLY A 200 42.57 -10.49 -20.30
C GLY A 200 41.14 -11.04 -20.22
N ILE A 201 40.32 -10.68 -21.19
CA ILE A 201 38.99 -11.23 -21.32
C ILE A 201 39.12 -12.67 -21.79
N ASN A 202 39.99 -12.88 -22.78
CA ASN A 202 40.17 -14.19 -23.35
C ASN A 202 41.43 -14.85 -22.77
N PRO A 203 41.54 -16.20 -22.84
CA PRO A 203 42.76 -16.91 -22.52
C PRO A 203 44.01 -16.27 -23.15
N HIS A 204 45.06 -16.09 -22.34
CA HIS A 204 46.33 -15.52 -22.74
C HIS A 204 46.14 -14.08 -23.22
N ALA A 205 45.14 -13.40 -22.67
CA ALA A 205 44.72 -12.10 -23.16
C ALA A 205 44.61 -12.07 -24.69
N SER A 206 44.01 -13.11 -25.26
CA SER A 206 43.74 -13.24 -26.68
C SER A 206 44.98 -13.61 -27.49
N GLU A 207 46.16 -13.57 -26.87
CA GLU A 207 47.42 -13.88 -27.52
C GLU A 207 47.49 -13.09 -28.82
N GLY A 208 47.53 -11.77 -28.66
CA GLY A 208 47.36 -10.84 -29.78
C GLY A 208 45.89 -10.80 -30.19
N GLN A 209 45.56 -11.51 -31.27
CA GLN A 209 44.19 -11.64 -31.73
C GLN A 209 43.88 -13.09 -32.10
N LEU A 210 44.80 -14.00 -31.77
CA LEU A 210 44.63 -15.40 -32.16
C LEU A 210 43.40 -16.01 -31.50
N PHE A 211 43.13 -15.68 -30.23
CA PHE A 211 41.98 -16.20 -29.52
C PHE A 211 40.95 -15.08 -29.26
N GLY A 212 40.51 -14.38 -30.30
CA GLY A 212 39.43 -13.40 -30.20
C GLY A 212 39.92 -11.96 -30.33
N LEU A 213 38.97 -11.05 -30.61
CA LEU A 213 39.23 -9.64 -30.87
C LEU A 213 38.98 -8.78 -29.63
N GLU A 214 38.34 -9.36 -28.61
CA GLU A 214 37.78 -8.57 -27.53
C GLU A 214 38.90 -7.77 -26.85
N ASP A 215 40.07 -8.39 -26.60
CA ASP A 215 41.11 -7.72 -25.82
C ASP A 215 41.70 -6.54 -26.57
N SER A 216 41.82 -6.67 -27.90
CA SER A 216 42.32 -5.57 -28.70
C SER A 216 41.33 -4.41 -28.72
N GLN A 217 40.04 -4.68 -28.52
CA GLN A 217 39.02 -3.63 -28.56
C GLN A 217 38.81 -2.96 -27.20
N ILE A 218 39.14 -3.65 -26.11
CA ILE A 218 38.60 -3.34 -24.79
C ILE A 218 39.70 -3.13 -23.75
N THR A 219 40.49 -4.17 -23.44
CA THR A 219 41.44 -4.07 -22.35
C THR A 219 42.69 -3.34 -22.79
N VAL A 220 43.12 -3.54 -24.05
CA VAL A 220 44.35 -2.92 -24.52
C VAL A 220 44.15 -1.41 -24.56
N PRO A 221 43.12 -0.85 -25.25
CA PRO A 221 42.92 0.61 -25.27
C PRO A 221 42.75 1.22 -23.88
N ALA A 222 42.10 0.49 -22.96
CA ALA A 222 41.82 0.97 -21.61
C ALA A 222 43.11 1.10 -20.79
N VAL A 223 44.08 0.22 -21.04
CA VAL A 223 45.33 0.23 -20.31
C VAL A 223 46.18 1.42 -20.78
N GLU A 224 46.09 1.74 -22.08
CA GLU A 224 46.84 2.86 -22.62
C GLU A 224 46.26 4.17 -22.13
N THR A 225 44.93 4.32 -22.12
CA THR A 225 44.27 5.49 -21.59
C THR A 225 44.67 5.72 -20.13
N LEU A 226 44.77 4.60 -19.37
CA LEU A 226 45.07 4.65 -17.95
C LEU A 226 46.54 5.01 -17.70
N ARG A 227 47.44 4.55 -18.58
CA ARG A 227 48.83 4.93 -18.44
C ARG A 227 49.02 6.42 -18.73
N LYS A 228 48.38 6.95 -19.79
CA LYS A 228 48.57 8.34 -20.17
C LYS A 228 48.17 9.28 -19.03
N ARG A 229 47.25 8.84 -18.16
CA ARG A 229 46.84 9.61 -16.99
C ARG A 229 47.77 9.36 -15.79
N GLY A 230 48.83 8.56 -15.98
CA GLY A 230 49.93 8.48 -15.04
C GLY A 230 49.75 7.36 -14.01
N LEU A 231 49.03 6.31 -14.40
CA LEU A 231 48.84 5.12 -13.58
C LEU A 231 49.83 4.02 -13.99
N THR A 232 50.34 3.29 -12.98
CA THR A 232 51.24 2.17 -13.19
C THR A 232 50.41 0.90 -13.40
N VAL A 233 50.30 0.47 -14.66
CA VAL A 233 49.35 -0.55 -15.06
C VAL A 233 50.03 -1.55 -16.00
N ASP A 234 49.95 -2.85 -15.71
CA ASP A 234 50.45 -3.89 -16.58
C ASP A 234 49.28 -4.67 -17.17
N GLY A 235 49.38 -5.04 -18.45
CA GLY A 235 48.48 -6.02 -19.06
C GLY A 235 47.83 -5.45 -20.32
N PRO A 236 46.80 -6.09 -20.89
CA PRO A 236 46.18 -7.28 -20.30
C PRO A 236 47.09 -8.51 -20.36
N MET A 237 47.02 -9.35 -19.34
CA MET A 237 47.70 -10.65 -19.33
C MET A 237 46.72 -11.75 -18.94
N GLY A 238 47.06 -12.99 -19.33
CA GLY A 238 46.32 -14.16 -18.87
C GLY A 238 46.23 -14.19 -17.34
N ALA A 239 45.01 -14.31 -16.84
CA ALA A 239 44.72 -14.16 -15.41
C ALA A 239 45.57 -15.13 -14.60
N ASP A 240 45.74 -16.35 -15.12
CA ASP A 240 46.55 -17.38 -14.51
C ASP A 240 48.00 -16.92 -14.37
N MET A 241 48.57 -16.39 -15.46
CA MET A 241 49.99 -16.08 -15.51
C MET A 241 50.29 -14.93 -14.57
N VAL A 242 49.51 -13.84 -14.66
CA VAL A 242 49.83 -12.62 -13.93
C VAL A 242 49.58 -12.80 -12.43
N LEU A 243 48.50 -13.50 -12.10
CA LEU A 243 48.14 -13.77 -10.71
C LEU A 243 49.27 -14.56 -10.02
N ALA A 244 49.92 -15.43 -10.79
CA ALA A 244 50.95 -16.32 -10.28
C ALA A 244 52.21 -15.55 -9.87
N GLN A 245 52.48 -14.40 -10.50
CA GLN A 245 53.70 -13.63 -10.22
C GLN A 245 53.59 -12.95 -8.85
N ARG A 246 52.37 -12.54 -8.44
CA ARG A 246 52.14 -12.02 -7.10
C ARG A 246 53.01 -10.78 -6.86
N LYS A 247 52.92 -9.78 -7.77
CA LYS A 247 53.73 -8.58 -7.68
C LYS A 247 52.88 -7.35 -8.00
N HIS A 248 51.58 -7.42 -7.72
CA HIS A 248 50.71 -6.28 -7.92
C HIS A 248 49.84 -6.07 -6.68
N ASP A 249 49.41 -4.83 -6.45
CA ASP A 249 48.61 -4.50 -5.28
C ASP A 249 47.12 -4.53 -5.61
N LEU A 250 46.79 -4.68 -6.90
CA LEU A 250 45.40 -4.67 -7.33
C LEU A 250 45.29 -5.36 -8.69
N TYR A 251 44.45 -6.39 -8.76
CA TYR A 251 44.18 -7.07 -10.02
C TYR A 251 42.80 -6.64 -10.50
N VAL A 252 42.61 -6.57 -11.82
CA VAL A 252 41.33 -6.16 -12.39
C VAL A 252 40.74 -7.35 -13.14
N ALA A 253 39.64 -7.89 -12.65
CA ALA A 253 39.02 -9.03 -13.29
C ALA A 253 37.90 -8.57 -14.21
N MET A 254 37.76 -9.27 -15.34
CA MET A 254 36.73 -8.96 -16.32
C MET A 254 35.43 -9.66 -15.97
N LEU A 255 35.53 -10.87 -15.40
CA LEU A 255 34.40 -11.72 -15.12
C LEU A 255 34.41 -12.19 -13.67
N HIS A 256 33.21 -12.43 -13.14
CA HIS A 256 33.02 -12.84 -11.76
C HIS A 256 34.03 -13.92 -11.37
N ASP A 257 34.07 -15.03 -12.11
CA ASP A 257 34.79 -16.22 -11.69
C ASP A 257 36.31 -15.97 -11.71
N GLN A 258 36.79 -15.11 -12.58
CA GLN A 258 38.21 -14.82 -12.69
C GLN A 258 38.79 -14.31 -11.38
N GLY A 259 37.96 -13.60 -10.60
CA GLY A 259 38.39 -13.02 -9.34
C GLY A 259 37.96 -13.88 -8.13
N HIS A 260 36.81 -14.54 -8.26
CA HIS A 260 36.19 -15.26 -7.16
C HIS A 260 36.93 -16.59 -6.96
N ILE A 261 37.49 -17.18 -8.02
CA ILE A 261 38.17 -18.46 -7.87
C ILE A 261 39.43 -18.30 -7.00
N PRO A 262 40.38 -17.42 -7.35
CA PRO A 262 41.58 -17.26 -6.52
C PRO A 262 41.30 -16.90 -5.06
N ILE A 263 40.33 -16.02 -4.82
CA ILE A 263 40.05 -15.52 -3.48
C ILE A 263 39.50 -16.65 -2.61
N LYS A 264 38.52 -17.40 -3.11
CA LYS A 264 37.88 -18.44 -2.30
C LYS A 264 38.78 -19.66 -2.17
N LEU A 265 39.76 -19.81 -3.06
CA LEU A 265 40.72 -20.90 -2.99
C LEU A 265 41.73 -20.62 -1.87
N LEU A 266 42.23 -19.36 -1.82
CA LEU A 266 43.29 -18.98 -0.89
C LEU A 266 42.73 -18.50 0.44
N ALA A 267 41.43 -18.17 0.50
CA ALA A 267 40.88 -17.56 1.70
C ALA A 267 39.40 -17.90 1.82
N PRO A 268 39.05 -19.18 2.12
CA PRO A 268 37.64 -19.62 2.17
C PRO A 268 36.84 -19.00 3.33
N ASN A 269 37.54 -18.48 4.33
CA ASN A 269 36.88 -17.76 5.40
C ASN A 269 37.25 -16.28 5.31
N GLY A 270 38.56 -15.99 5.21
CA GLY A 270 39.04 -14.64 5.41
C GLY A 270 38.84 -13.68 4.24
N ALA A 271 37.72 -13.77 3.49
CA ALA A 271 37.52 -12.87 2.34
C ALA A 271 36.54 -11.77 2.73
N SER A 272 36.85 -10.53 2.38
CA SER A 272 35.93 -9.43 2.58
C SER A 272 35.46 -8.92 1.22
N ALA A 273 34.20 -8.50 1.13
CA ALA A 273 33.62 -8.03 -0.13
C ALA A 273 33.30 -6.54 -0.03
N LEU A 274 34.01 -5.73 -0.80
CA LEU A 274 33.87 -4.28 -0.75
C LEU A 274 33.06 -3.77 -1.93
N SER A 275 31.92 -3.14 -1.63
CA SER A 275 31.14 -2.41 -2.60
C SER A 275 31.62 -0.96 -2.62
N ILE A 276 31.98 -0.49 -3.82
CA ILE A 276 32.60 0.83 -4.01
C ILE A 276 31.73 1.67 -4.94
N GLY A 277 31.46 2.91 -4.50
CA GLY A 277 30.70 3.86 -5.29
C GLY A 277 30.88 5.28 -4.76
N GLY A 278 31.13 6.23 -5.68
CA GLY A 278 31.54 7.56 -5.26
C GLY A 278 32.73 7.46 -4.30
N ARG A 279 32.62 8.09 -3.14
CA ARG A 279 33.67 8.05 -2.13
C ARG A 279 33.35 6.96 -1.10
N VAL A 280 32.26 6.21 -1.29
CA VAL A 280 31.77 5.32 -0.27
C VAL A 280 32.30 3.90 -0.48
N VAL A 281 32.92 3.35 0.55
CA VAL A 281 33.35 1.97 0.55
C VAL A 281 32.57 1.25 1.66
N LEU A 282 31.81 0.23 1.25
CA LEU A 282 30.96 -0.53 2.17
C LEU A 282 31.40 -1.98 2.12
N SER A 283 31.67 -2.59 3.27
CA SER A 283 32.02 -3.99 3.34
C SER A 283 31.03 -4.76 4.20
N SER A 284 30.67 -5.95 3.73
CA SER A 284 29.97 -6.93 4.54
C SER A 284 30.94 -7.57 5.52
N VAL A 285 30.34 -8.25 6.51
CA VAL A 285 30.96 -9.35 7.23
C VAL A 285 30.72 -10.58 6.35
N GLY A 286 31.52 -11.64 6.44
CA GLY A 286 31.52 -12.65 5.38
C GLY A 286 30.48 -13.76 5.56
N HIS A 287 29.45 -13.52 6.39
CA HIS A 287 28.57 -14.58 6.85
C HIS A 287 27.15 -14.04 6.98
N GLY A 288 26.18 -14.94 7.17
CA GLY A 288 24.77 -14.56 7.19
C GLY A 288 24.33 -14.14 8.60
N SER A 289 23.00 -13.93 8.75
CA SER A 289 22.44 -13.37 9.97
C SER A 289 22.16 -14.46 11.03
N ALA A 290 22.24 -15.73 10.62
CA ALA A 290 22.27 -16.84 11.56
C ALA A 290 21.05 -16.81 12.49
N MET A 291 19.85 -16.77 11.91
CA MET A 291 18.62 -16.58 12.66
C MET A 291 18.44 -17.71 13.67
N ASP A 292 19.02 -18.89 13.39
CA ASP A 292 18.88 -20.04 14.28
C ASP A 292 19.48 -19.83 15.67
N ILE A 293 20.54 -19.02 15.77
CA ILE A 293 21.25 -18.81 17.03
C ILE A 293 21.01 -17.40 17.57
N ALA A 294 20.12 -16.65 16.92
CA ALA A 294 19.94 -15.26 17.31
C ALA A 294 19.29 -15.24 18.68
N GLY A 295 19.93 -14.49 19.58
CA GLY A 295 19.45 -14.34 20.95
C GLY A 295 20.15 -15.30 21.89
N ARG A 296 20.95 -16.23 21.37
CA ARG A 296 21.53 -17.27 22.21
C ARG A 296 22.92 -16.86 22.71
N GLY A 297 23.54 -15.83 22.09
CA GLY A 297 24.73 -15.23 22.68
C GLY A 297 26.01 -16.02 22.36
N VAL A 298 26.04 -16.71 21.21
CA VAL A 298 27.11 -17.63 20.89
C VAL A 298 27.73 -17.29 19.53
N ALA A 299 27.47 -16.08 19.00
CA ALA A 299 27.95 -15.69 17.68
C ALA A 299 29.32 -15.04 17.78
N ASP A 300 30.25 -15.50 16.92
CA ASP A 300 31.63 -15.05 16.90
C ASP A 300 31.77 -13.76 16.10
N ALA A 301 32.48 -12.78 16.69
CA ALA A 301 32.61 -11.46 16.09
C ALA A 301 33.94 -11.34 15.33
N THR A 302 34.63 -12.47 15.12
CA THR A 302 35.94 -12.48 14.48
C THR A 302 35.85 -11.89 13.08
N ALA A 303 34.84 -12.29 12.30
CA ALA A 303 34.74 -11.84 10.91
C ALA A 303 34.51 -10.33 10.85
N LEU A 304 33.69 -9.81 11.77
CA LEU A 304 33.44 -8.38 11.84
C LEU A 304 34.72 -7.65 12.26
N LEU A 305 35.41 -8.16 13.27
CA LEU A 305 36.65 -7.54 13.73
C LEU A 305 37.70 -7.54 12.62
N ARG A 306 37.70 -8.59 11.79
CA ARG A 306 38.62 -8.68 10.66
C ARG A 306 38.25 -7.64 9.59
N THR A 307 36.95 -7.34 9.45
CA THR A 307 36.48 -6.38 8.47
C THR A 307 36.84 -4.97 8.97
N ILE A 308 36.63 -4.73 10.26
CA ILE A 308 36.96 -3.46 10.88
C ILE A 308 38.44 -3.17 10.66
N ALA A 309 39.30 -4.18 10.91
CA ALA A 309 40.75 -4.03 10.79
C ALA A 309 41.16 -3.65 9.37
N LEU A 310 40.43 -4.19 8.39
CA LEU A 310 40.78 -4.02 6.98
C LEU A 310 40.41 -2.63 6.51
N LEU A 311 39.20 -2.19 6.88
CA LEU A 311 38.69 -0.87 6.52
C LEU A 311 39.26 0.21 7.44
N GLY A 312 39.82 -0.15 8.60
CA GLY A 312 40.34 0.86 9.51
C GLY A 312 41.87 0.95 9.47
N ALA A 313 42.46 0.61 8.32
CA ALA A 313 43.89 0.47 8.17
C ALA A 313 44.53 1.85 8.19
N GLN A 314 45.82 1.89 8.52
CA GLN A 314 46.47 3.12 8.98
C GLN A 314 46.79 4.13 7.89
N PRO A 315 47.53 3.78 6.81
CA PRO A 315 48.23 4.81 6.02
C PRO A 315 47.30 5.87 5.41
N THR B 3 12.15 -8.13 -25.65
CA THR B 3 12.44 -9.56 -25.38
C THR B 3 11.49 -10.08 -24.30
N ILE B 4 10.67 -11.06 -24.63
CA ILE B 4 9.61 -11.49 -23.71
C ILE B 4 9.80 -12.93 -23.23
N VAL B 5 10.75 -13.67 -23.83
CA VAL B 5 10.95 -15.08 -23.51
C VAL B 5 12.26 -15.28 -22.77
N HIS B 6 12.18 -15.58 -21.47
CA HIS B 6 13.37 -15.67 -20.64
C HIS B 6 13.52 -17.07 -20.07
N ARG B 7 12.87 -18.07 -20.68
CA ARG B 7 13.05 -19.47 -20.29
C ARG B 7 12.54 -20.43 -21.37
N ARG B 8 12.91 -21.71 -21.22
CA ARG B 8 12.53 -22.75 -22.17
C ARG B 8 11.07 -23.09 -21.98
N LEU B 9 10.33 -23.21 -23.09
CA LEU B 9 8.91 -23.54 -23.06
C LEU B 9 8.60 -24.62 -24.09
N ALA B 10 7.55 -25.39 -23.81
CA ALA B 10 6.98 -26.30 -24.79
C ALA B 10 5.70 -25.70 -25.33
N LEU B 11 5.51 -25.77 -26.66
CA LEU B 11 4.32 -25.26 -27.31
C LEU B 11 3.69 -26.40 -28.11
N ALA B 12 2.56 -26.90 -27.59
CA ALA B 12 1.77 -27.91 -28.28
C ALA B 12 0.78 -27.18 -29.17
N ILE B 13 0.64 -27.63 -30.42
CA ILE B 13 -0.01 -26.81 -31.43
C ILE B 13 -1.51 -27.07 -31.41
N GLY B 14 -1.97 -27.99 -30.56
CA GLY B 14 -3.41 -28.16 -30.35
C GLY B 14 -4.03 -28.97 -31.47
N ASP B 15 -5.30 -28.68 -31.76
CA ASP B 15 -6.00 -29.34 -32.85
C ASP B 15 -5.33 -28.94 -34.17
N PRO B 16 -4.76 -29.91 -34.92
CA PRO B 16 -4.03 -29.60 -36.14
C PRO B 16 -4.92 -29.12 -37.29
N HIS B 17 -6.24 -29.22 -37.10
CA HIS B 17 -7.22 -28.77 -38.07
C HIS B 17 -7.74 -27.39 -37.71
N GLY B 18 -7.46 -26.91 -36.49
CA GLY B 18 -7.87 -25.58 -36.07
C GLY B 18 -6.78 -24.55 -36.32
N ILE B 19 -6.80 -23.45 -35.57
CA ILE B 19 -5.90 -22.34 -35.81
C ILE B 19 -4.57 -22.54 -35.08
N GLY B 20 -4.44 -23.61 -34.29
CA GLY B 20 -3.29 -23.81 -33.44
C GLY B 20 -1.97 -23.73 -34.19
N PRO B 21 -1.75 -24.62 -35.19
CA PRO B 21 -0.49 -24.61 -35.96
C PRO B 21 -0.14 -23.21 -36.49
N GLU B 22 -1.13 -22.55 -37.11
CA GLU B 22 -0.96 -21.23 -37.69
C GLU B 22 -0.51 -20.23 -36.63
N ILE B 23 -1.22 -20.15 -35.51
CA ILE B 23 -0.91 -19.18 -34.48
C ILE B 23 0.43 -19.51 -33.82
N ALA B 24 0.82 -20.79 -33.78
CA ALA B 24 2.14 -21.14 -33.32
C ALA B 24 3.20 -20.43 -34.18
N LEU B 25 3.11 -20.63 -35.50
CA LEU B 25 4.05 -20.03 -36.44
C LEU B 25 4.04 -18.51 -36.32
N LYS B 26 2.85 -17.91 -36.24
CA LYS B 26 2.74 -16.46 -36.28
C LYS B 26 3.38 -15.84 -35.03
N ALA B 27 3.25 -16.52 -33.89
CA ALA B 27 3.85 -16.05 -32.65
C ALA B 27 5.38 -16.13 -32.70
N LEU B 28 5.91 -17.29 -33.16
CA LEU B 28 7.35 -17.50 -33.22
C LEU B 28 7.97 -16.48 -34.20
N GLN B 29 7.31 -16.26 -35.33
CA GLN B 29 7.71 -15.26 -36.32
C GLN B 29 8.02 -13.92 -35.64
N GLN B 30 7.22 -13.53 -34.66
CA GLN B 30 7.32 -12.22 -34.02
C GLN B 30 8.50 -12.17 -33.05
N LEU B 31 9.05 -13.33 -32.67
CA LEU B 31 10.12 -13.40 -31.69
C LEU B 31 11.48 -13.20 -32.36
N SER B 32 12.50 -12.95 -31.54
CA SER B 32 13.90 -13.02 -31.95
C SER B 32 14.27 -14.45 -32.35
N ALA B 33 15.45 -14.60 -32.96
CA ALA B 33 15.95 -15.93 -33.33
C ALA B 33 16.36 -16.69 -32.06
N THR B 34 17.02 -15.98 -31.13
CA THR B 34 17.40 -16.55 -29.85
C THR B 34 16.17 -16.95 -29.04
N GLU B 35 15.06 -16.20 -29.16
CA GLU B 35 13.83 -16.50 -28.43
C GLU B 35 13.16 -17.75 -29.00
N ARG B 36 13.20 -17.92 -30.31
CA ARG B 36 12.57 -19.07 -30.97
C ARG B 36 13.28 -20.35 -30.56
N SER B 37 14.57 -20.24 -30.28
CA SER B 37 15.39 -21.40 -29.96
C SER B 37 15.06 -21.91 -28.56
N LEU B 38 14.33 -21.10 -27.78
CA LEU B 38 13.87 -21.47 -26.45
C LEU B 38 12.48 -22.07 -26.49
N ILE B 39 11.84 -22.12 -27.66
CA ILE B 39 10.49 -22.67 -27.77
C ILE B 39 10.54 -23.96 -28.59
N LYS B 40 10.28 -25.08 -27.92
CA LYS B 40 10.22 -26.37 -28.57
C LYS B 40 8.75 -26.71 -28.86
N VAL B 41 8.51 -27.14 -30.10
CA VAL B 41 7.17 -27.26 -30.65
C VAL B 41 6.81 -28.73 -30.72
N TYR B 42 5.59 -29.05 -30.24
CA TYR B 42 5.09 -30.41 -30.26
C TYR B 42 3.85 -30.46 -31.13
N GLY B 43 3.86 -31.40 -32.07
CA GLY B 43 2.74 -31.58 -32.96
C GLY B 43 3.17 -32.32 -34.22
N PRO B 44 2.20 -32.67 -35.08
CA PRO B 44 2.52 -33.25 -36.39
C PRO B 44 3.20 -32.24 -37.29
N TRP B 45 4.34 -32.63 -37.85
CA TRP B 45 5.07 -31.82 -38.80
C TRP B 45 4.18 -31.53 -40.01
N SER B 46 3.29 -32.48 -40.36
CA SER B 46 2.46 -32.34 -41.54
C SER B 46 1.56 -31.11 -41.43
N ALA B 47 1.19 -30.71 -40.20
CA ALA B 47 0.27 -29.61 -39.98
C ALA B 47 0.99 -28.27 -39.99
N LEU B 48 2.23 -28.29 -39.50
CA LEU B 48 3.07 -27.10 -39.52
C LEU B 48 3.47 -26.80 -40.96
N GLU B 49 3.64 -27.87 -41.75
CA GLU B 49 3.94 -27.77 -43.17
C GLU B 49 2.78 -27.07 -43.89
N GLN B 50 1.58 -27.60 -43.68
CA GLN B 50 0.33 -27.07 -44.24
C GLN B 50 0.15 -25.59 -43.88
N ALA B 51 0.27 -25.24 -42.59
CA ALA B 51 0.11 -23.86 -42.13
C ALA B 51 1.15 -22.95 -42.77
N ALA B 52 2.38 -23.46 -42.90
CA ALA B 52 3.51 -22.67 -43.39
C ALA B 52 3.36 -22.33 -44.87
N GLN B 53 2.89 -23.31 -45.65
CA GLN B 53 2.66 -23.11 -47.08
C GLN B 53 1.59 -22.03 -47.24
N ILE B 54 0.50 -22.16 -46.48
CA ILE B 54 -0.61 -21.21 -46.52
C ILE B 54 -0.17 -19.80 -46.16
N CYS B 55 0.47 -19.63 -44.99
CA CYS B 55 0.89 -18.33 -44.50
C CYS B 55 2.15 -17.82 -45.18
N GLN B 56 2.81 -18.67 -45.97
CA GLN B 56 4.07 -18.32 -46.63
C GLN B 56 5.13 -18.04 -45.58
N MET B 57 5.42 -19.07 -44.76
CA MET B 57 6.38 -18.98 -43.66
C MET B 57 7.29 -20.20 -43.66
N GLU B 58 7.54 -20.78 -44.84
CA GLU B 58 8.39 -21.96 -44.96
C GLU B 58 9.80 -21.67 -44.49
N SER B 59 10.22 -20.41 -44.66
CA SER B 59 11.52 -19.98 -44.19
C SER B 59 11.69 -20.25 -42.69
N LEU B 60 10.57 -20.28 -41.95
CA LEU B 60 10.63 -20.26 -40.49
C LEU B 60 10.74 -21.67 -39.92
N LEU B 61 10.22 -22.68 -40.65
CA LEU B 61 10.18 -24.05 -40.17
C LEU B 61 11.58 -24.62 -40.08
N GLN B 62 12.47 -24.23 -41.00
CA GLN B 62 13.80 -24.82 -41.06
C GLN B 62 14.62 -24.40 -39.85
N ASP B 63 14.23 -23.31 -39.18
CA ASP B 63 14.94 -22.81 -38.02
C ASP B 63 14.16 -23.10 -36.74
N LEU B 64 13.43 -24.22 -36.70
CA LEU B 64 12.47 -24.41 -35.64
C LEU B 64 12.79 -25.68 -34.86
N ILE B 65 12.81 -25.60 -33.53
CA ILE B 65 13.00 -26.78 -32.73
C ILE B 65 11.66 -27.50 -32.66
N HIS B 66 11.67 -28.78 -33.05
CA HIS B 66 10.44 -29.55 -33.21
C HIS B 66 10.59 -31.00 -32.76
N GLU B 67 9.51 -31.55 -32.21
CA GLU B 67 9.44 -32.97 -31.93
C GLU B 67 8.11 -33.47 -32.49
N GLU B 68 8.17 -34.46 -33.38
CA GLU B 68 6.98 -35.09 -33.90
C GLU B 68 6.17 -35.64 -32.71
N ALA B 69 4.86 -35.38 -32.73
CA ALA B 69 3.90 -35.89 -31.77
C ALA B 69 2.51 -35.74 -32.39
N GLY B 70 1.64 -36.70 -32.18
CA GLY B 70 0.30 -36.61 -32.75
C GLY B 70 0.34 -36.62 -34.29
N SER B 71 1.15 -37.54 -34.83
CA SER B 71 1.25 -37.73 -36.26
C SER B 71 -0.11 -38.05 -36.85
N LEU B 72 -0.35 -37.59 -38.08
CA LEU B 72 -1.59 -37.87 -38.79
C LEU B 72 -1.36 -38.93 -39.88
N ALA B 73 -2.43 -39.61 -40.29
CA ALA B 73 -2.34 -40.71 -41.24
C ALA B 73 -2.83 -40.31 -42.64
N GLN B 74 -3.31 -39.06 -42.76
CA GLN B 74 -3.89 -38.56 -43.99
C GLN B 74 -3.66 -37.05 -44.03
N PRO B 75 -3.84 -36.37 -45.18
CA PRO B 75 -3.61 -34.93 -45.26
C PRO B 75 -4.48 -34.15 -44.29
N VAL B 76 -3.96 -32.99 -43.87
CA VAL B 76 -4.67 -32.10 -42.96
C VAL B 76 -5.88 -31.53 -43.69
N GLN B 77 -7.01 -31.42 -42.97
CA GLN B 77 -8.25 -30.87 -43.50
C GLN B 77 -8.68 -29.71 -42.60
N CYS B 78 -8.35 -28.47 -42.99
CA CYS B 78 -8.62 -27.34 -42.11
C CYS B 78 -10.13 -27.14 -41.92
N GLY B 79 -10.53 -26.83 -40.68
CA GLY B 79 -11.92 -26.54 -40.35
C GLY B 79 -12.72 -27.79 -39.91
N GLU B 80 -12.19 -28.99 -40.15
CA GLU B 80 -12.93 -30.22 -40.01
C GLU B 80 -12.70 -30.87 -38.65
N ILE B 81 -13.79 -31.34 -38.02
CA ILE B 81 -13.75 -32.06 -36.76
C ILE B 81 -13.58 -33.55 -37.04
N THR B 82 -12.40 -34.10 -36.75
CA THR B 82 -12.16 -35.52 -36.98
C THR B 82 -11.55 -36.14 -35.73
N PRO B 83 -11.93 -37.39 -35.38
CA PRO B 83 -11.31 -38.12 -34.27
C PRO B 83 -9.78 -38.12 -34.31
N GLN B 84 -9.19 -38.20 -35.50
CA GLN B 84 -7.75 -38.28 -35.65
C GLN B 84 -7.11 -36.97 -35.13
N ALA B 85 -7.80 -35.85 -35.33
CA ALA B 85 -7.25 -34.55 -34.96
C ALA B 85 -7.34 -34.37 -33.46
N GLY B 86 -8.35 -35.02 -32.86
CA GLY B 86 -8.54 -35.00 -31.41
C GLY B 86 -7.49 -35.83 -30.69
N LEU B 87 -7.12 -36.97 -31.28
CA LEU B 87 -6.04 -37.78 -30.75
C LEU B 87 -4.71 -37.02 -30.84
N SER B 88 -4.45 -36.45 -32.01
CA SER B 88 -3.27 -35.63 -32.21
C SER B 88 -3.16 -34.63 -31.08
N THR B 89 -4.30 -33.99 -30.76
CA THR B 89 -4.34 -32.88 -29.81
C THR B 89 -3.78 -33.34 -28.49
N VAL B 90 -4.31 -34.48 -28.01
CA VAL B 90 -3.97 -35.01 -26.70
C VAL B 90 -2.54 -35.53 -26.71
N GLN B 91 -2.15 -36.21 -27.81
CA GLN B 91 -0.83 -36.81 -27.88
C GLN B 91 0.24 -35.72 -27.81
N SER B 92 -0.03 -34.60 -28.47
CA SER B 92 0.96 -33.55 -28.58
C SER B 92 1.05 -32.78 -27.27
N ALA B 93 -0.08 -32.55 -26.61
CA ALA B 93 -0.08 -31.87 -25.32
C ALA B 93 0.56 -32.78 -24.27
N THR B 94 0.34 -34.09 -24.43
CA THR B 94 0.90 -35.10 -23.55
C THR B 94 2.42 -35.13 -23.72
N ALA B 95 2.90 -34.97 -24.95
CA ALA B 95 4.33 -34.93 -25.25
C ALA B 95 4.98 -33.69 -24.65
N ALA B 96 4.29 -32.55 -24.70
CA ALA B 96 4.81 -31.31 -24.16
C ALA B 96 4.89 -31.36 -22.63
N ILE B 97 3.83 -31.90 -22.01
CA ILE B 97 3.78 -32.03 -20.57
C ILE B 97 4.94 -32.89 -20.07
N ARG B 98 5.26 -33.95 -20.81
CA ARG B 98 6.24 -34.94 -20.37
C ARG B 98 7.64 -34.32 -20.44
N ALA B 99 7.81 -33.41 -21.40
CA ALA B 99 9.07 -32.70 -21.53
C ALA B 99 9.25 -31.77 -20.34
N CYS B 100 8.13 -31.30 -19.76
CA CYS B 100 8.18 -30.43 -18.60
C CYS B 100 8.44 -31.26 -17.34
N GLU B 101 7.77 -32.41 -17.21
CA GLU B 101 7.96 -33.31 -16.08
C GLU B 101 9.42 -33.81 -15.99
N SER B 102 10.04 -34.09 -17.14
CA SER B 102 11.42 -34.54 -17.18
C SER B 102 12.39 -33.38 -17.00
N GLY B 103 11.96 -32.16 -17.32
CA GLY B 103 12.76 -30.96 -17.10
C GLY B 103 13.45 -30.44 -18.36
N GLU B 104 13.06 -30.94 -19.53
CA GLU B 104 13.58 -30.40 -20.77
C GLU B 104 13.13 -28.94 -20.95
N VAL B 105 11.89 -28.62 -20.54
CA VAL B 105 11.38 -27.25 -20.58
C VAL B 105 10.81 -26.91 -19.20
N ASP B 106 10.48 -25.63 -19.02
CA ASP B 106 10.18 -25.08 -17.70
C ASP B 106 8.68 -24.85 -17.54
N ALA B 107 7.93 -24.75 -18.64
CA ALA B 107 6.49 -24.71 -18.59
C ALA B 107 5.94 -25.09 -19.96
N VAL B 108 4.60 -25.21 -20.04
CA VAL B 108 3.93 -25.63 -21.24
C VAL B 108 2.85 -24.63 -21.62
N ILE B 109 2.68 -24.41 -22.92
CA ILE B 109 1.53 -23.72 -23.45
C ILE B 109 0.82 -24.69 -24.40
N ALA B 110 -0.52 -24.73 -24.33
CA ALA B 110 -1.33 -25.54 -25.22
C ALA B 110 -2.20 -24.63 -26.10
N CYS B 111 -1.99 -24.73 -27.41
CA CYS B 111 -2.87 -24.06 -28.37
C CYS B 111 -4.24 -24.72 -28.28
N PRO B 112 -5.28 -24.12 -28.89
CA PRO B 112 -6.65 -24.60 -28.71
C PRO B 112 -7.00 -26.01 -29.17
N HIS B 113 -7.81 -26.68 -28.35
CA HIS B 113 -8.30 -28.02 -28.62
C HIS B 113 -9.76 -27.92 -29.08
N HIS B 114 -10.29 -28.96 -29.71
CA HIS B 114 -11.73 -29.03 -29.93
C HIS B 114 -12.31 -30.21 -29.15
N GLU B 115 -13.24 -29.90 -28.24
CA GLU B 115 -13.76 -30.86 -27.27
C GLU B 115 -14.41 -32.06 -27.99
N THR B 116 -15.12 -31.76 -29.08
CA THR B 116 -15.86 -32.79 -29.80
C THR B 116 -14.88 -33.76 -30.44
N ALA B 117 -13.80 -33.20 -31.03
CA ALA B 117 -12.81 -33.99 -31.74
C ALA B 117 -12.21 -35.01 -30.78
N ILE B 118 -11.87 -34.53 -29.58
CA ILE B 118 -11.23 -35.38 -28.59
C ILE B 118 -12.23 -36.47 -28.20
N HIS B 119 -13.49 -36.07 -28.00
CA HIS B 119 -14.51 -37.00 -27.54
C HIS B 119 -14.73 -38.09 -28.60
N ARG B 120 -14.79 -37.69 -29.88
CA ARG B 120 -15.06 -38.65 -30.95
C ARG B 120 -13.93 -39.66 -31.11
N ALA B 121 -12.77 -39.41 -30.51
CA ALA B 121 -11.67 -40.35 -30.55
C ALA B 121 -11.76 -41.35 -29.39
N GLY B 122 -12.77 -41.16 -28.52
CA GLY B 122 -13.03 -42.10 -27.43
C GLY B 122 -12.22 -41.76 -26.19
N ILE B 123 -11.82 -40.50 -26.04
CA ILE B 123 -10.95 -40.06 -24.94
C ILE B 123 -11.73 -39.16 -23.98
N ALA B 124 -11.68 -39.50 -22.70
CA ALA B 124 -12.27 -38.68 -21.65
C ALA B 124 -11.46 -37.41 -21.43
N PHE B 125 -12.15 -36.27 -21.36
CA PHE B 125 -11.50 -34.98 -21.26
C PHE B 125 -12.46 -33.96 -20.64
N SER B 126 -12.06 -33.43 -19.47
CA SER B 126 -12.82 -32.42 -18.74
C SER B 126 -11.98 -31.16 -18.56
N GLY B 127 -11.00 -30.94 -19.44
CA GLY B 127 -10.12 -29.78 -19.34
C GLY B 127 -8.68 -30.17 -18.99
N TYR B 128 -7.84 -29.12 -18.98
CA TYR B 128 -6.41 -29.30 -18.82
C TYR B 128 -6.08 -29.82 -17.44
N PRO B 129 -6.74 -29.34 -16.36
CA PRO B 129 -6.49 -29.86 -15.01
C PRO B 129 -6.50 -31.39 -14.92
N SER B 130 -7.50 -32.00 -15.54
CA SER B 130 -7.67 -33.45 -15.51
C SER B 130 -6.54 -34.13 -16.31
N LEU B 131 -6.29 -33.62 -17.53
CA LEU B 131 -5.31 -34.24 -18.41
C LEU B 131 -3.97 -34.33 -17.68
N LEU B 132 -3.61 -33.22 -17.04
CA LEU B 132 -2.32 -33.08 -16.41
C LEU B 132 -2.21 -34.04 -15.23
N ALA B 133 -3.29 -34.13 -14.44
CA ALA B 133 -3.38 -35.09 -13.34
C ALA B 133 -3.14 -36.50 -13.86
N ASN B 134 -3.83 -36.84 -14.96
CA ASN B 134 -3.71 -38.14 -15.60
C ASN B 134 -2.26 -38.44 -15.97
N VAL B 135 -1.66 -37.60 -16.84
CA VAL B 135 -0.34 -37.85 -17.40
C VAL B 135 0.75 -37.92 -16.31
N LEU B 136 0.55 -37.19 -15.20
CA LEU B 136 1.58 -37.06 -14.17
C LEU B 136 1.43 -38.11 -13.07
N GLY B 137 0.28 -38.79 -13.02
CA GLY B 137 0.00 -39.82 -12.03
C GLY B 137 -0.48 -39.24 -10.70
N MET B 138 -1.35 -38.22 -10.75
CA MET B 138 -1.82 -37.51 -9.57
C MET B 138 -3.34 -37.57 -9.48
N ASN B 139 -3.89 -37.44 -8.26
CA ASN B 139 -5.33 -37.26 -8.10
C ASN B 139 -5.68 -35.88 -8.62
N GLU B 140 -6.87 -35.79 -9.19
CA GLU B 140 -7.26 -34.59 -9.92
C GLU B 140 -7.38 -33.41 -8.97
N ASP B 141 -7.57 -33.66 -7.65
CA ASP B 141 -7.76 -32.62 -6.64
C ASP B 141 -6.42 -32.07 -6.11
N GLU B 142 -5.26 -32.56 -6.65
CA GLU B 142 -3.95 -31.97 -6.37
C GLU B 142 -3.48 -31.09 -7.54
N VAL B 143 -4.35 -30.89 -8.54
CA VAL B 143 -4.05 -29.98 -9.61
C VAL B 143 -5.06 -28.84 -9.51
N PHE B 144 -4.54 -27.61 -9.54
CA PHE B 144 -5.35 -26.43 -9.27
C PHE B 144 -5.26 -25.52 -10.49
N LEU B 145 -6.31 -24.71 -10.67
CA LEU B 145 -6.40 -23.73 -11.74
C LEU B 145 -6.18 -22.32 -11.18
N MET B 146 -5.16 -21.63 -11.71
CA MET B 146 -4.96 -20.22 -11.41
C MET B 146 -5.32 -19.38 -12.64
N LEU B 147 -6.23 -18.42 -12.48
CA LEU B 147 -6.52 -17.45 -13.53
C LEU B 147 -5.62 -16.22 -13.35
N VAL B 148 -5.11 -15.70 -14.46
CA VAL B 148 -4.26 -14.52 -14.48
C VAL B 148 -4.82 -13.55 -15.54
N GLY B 149 -5.10 -12.31 -15.11
CA GLY B 149 -5.58 -11.26 -16.00
C GLY B 149 -5.63 -9.92 -15.28
N ALA B 150 -5.30 -8.84 -16.00
CA ALA B 150 -5.38 -7.49 -15.47
C ALA B 150 -4.74 -7.37 -14.08
N GLY B 151 -3.54 -7.96 -13.89
CA GLY B 151 -2.78 -7.82 -12.64
C GLY B 151 -3.18 -8.85 -11.58
N LEU B 152 -4.37 -9.46 -11.72
CA LEU B 152 -4.91 -10.38 -10.73
C LEU B 152 -4.41 -11.79 -11.01
N ARG B 153 -3.90 -12.44 -9.96
CA ARG B 153 -3.66 -13.86 -9.98
C ARG B 153 -4.54 -14.46 -8.89
N ILE B 154 -5.43 -15.38 -9.30
CA ILE B 154 -6.35 -16.00 -8.36
C ILE B 154 -6.31 -17.52 -8.57
N VAL B 155 -5.86 -18.25 -7.54
CA VAL B 155 -5.88 -19.70 -7.56
C VAL B 155 -7.18 -20.11 -6.88
N HIS B 156 -7.73 -21.25 -7.33
CA HIS B 156 -8.99 -21.74 -6.84
C HIS B 156 -8.75 -23.04 -6.08
N VAL B 157 -9.24 -23.15 -4.84
CA VAL B 157 -9.06 -24.36 -4.07
C VAL B 157 -10.05 -25.43 -4.56
N THR B 158 -11.26 -25.02 -4.95
CA THR B 158 -12.17 -25.90 -5.67
C THR B 158 -12.53 -25.23 -7.00
N LEU B 159 -13.07 -26.00 -7.95
CA LEU B 159 -13.30 -25.50 -9.28
C LEU B 159 -14.66 -26.01 -9.79
N HIS B 160 -14.66 -26.95 -10.73
CA HIS B 160 -15.86 -27.27 -11.49
C HIS B 160 -16.62 -28.37 -10.76
N GLU B 161 -17.38 -27.96 -9.73
CA GLU B 161 -18.28 -28.84 -9.02
C GLU B 161 -19.33 -27.98 -8.34
N SER B 162 -20.35 -28.62 -7.74
CA SER B 162 -21.42 -27.86 -7.10
C SER B 162 -20.90 -27.21 -5.83
N VAL B 163 -21.59 -26.17 -5.38
CA VAL B 163 -21.16 -25.39 -4.23
C VAL B 163 -21.19 -26.29 -3.01
N ARG B 164 -22.22 -27.13 -2.89
CA ARG B 164 -22.29 -28.07 -1.78
C ARG B 164 -21.07 -28.98 -1.81
N SER B 165 -20.80 -29.62 -2.94
CA SER B 165 -19.67 -30.53 -3.08
C SER B 165 -18.35 -29.83 -2.77
N ALA B 166 -18.22 -28.55 -3.15
CA ALA B 166 -17.03 -27.77 -2.85
C ALA B 166 -16.89 -27.59 -1.33
N LEU B 167 -17.99 -27.25 -0.67
CA LEU B 167 -17.98 -27.00 0.77
C LEU B 167 -17.65 -28.27 1.54
N GLU B 168 -18.11 -29.41 1.02
CA GLU B 168 -17.96 -30.69 1.69
C GLU B 168 -16.52 -31.21 1.61
N ARG B 169 -15.74 -30.74 0.62
CA ARG B 169 -14.39 -31.21 0.43
C ARG B 169 -13.37 -30.18 0.93
N LEU B 170 -13.81 -28.96 1.23
CA LEU B 170 -12.91 -27.91 1.69
C LEU B 170 -12.30 -28.36 3.01
N SER B 171 -10.96 -28.44 3.06
CA SER B 171 -10.30 -28.78 4.31
C SER B 171 -9.10 -27.85 4.50
N PRO B 172 -8.54 -27.76 5.72
CA PRO B 172 -7.29 -27.02 5.94
C PRO B 172 -6.19 -27.46 4.98
N GLN B 173 -6.03 -28.78 4.80
CA GLN B 173 -4.98 -29.33 3.96
C GLN B 173 -5.17 -28.93 2.49
N LEU B 174 -6.43 -28.87 2.02
CA LEU B 174 -6.69 -28.60 0.62
C LEU B 174 -6.31 -27.16 0.30
N VAL B 175 -6.70 -26.24 1.19
CA VAL B 175 -6.33 -24.84 1.07
C VAL B 175 -4.81 -24.75 1.03
N ILE B 176 -4.12 -25.43 1.95
CA ILE B 176 -2.67 -25.34 2.02
C ILE B 176 -2.07 -25.72 0.66
N ASN B 177 -2.55 -26.83 0.08
CA ASN B 177 -1.97 -27.36 -1.14
C ASN B 177 -2.10 -26.34 -2.26
N ALA B 178 -3.28 -25.71 -2.37
CA ALA B 178 -3.54 -24.76 -3.43
C ALA B 178 -2.59 -23.57 -3.31
N VAL B 179 -2.27 -23.17 -2.08
CA VAL B 179 -1.45 -21.99 -1.85
C VAL B 179 -0.01 -22.32 -2.25
N ASP B 180 0.52 -23.46 -1.79
CA ASP B 180 1.89 -23.85 -2.07
C ASP B 180 2.07 -24.08 -3.57
N ALA B 181 1.06 -24.65 -4.22
CA ALA B 181 1.10 -24.87 -5.65
C ALA B 181 1.18 -23.52 -6.38
N ALA B 182 0.35 -22.56 -5.93
CA ALA B 182 0.24 -21.26 -6.58
C ALA B 182 1.47 -20.41 -6.33
N VAL B 183 2.07 -20.52 -5.13
CA VAL B 183 3.23 -19.73 -4.74
C VAL B 183 4.42 -20.17 -5.60
N GLN B 184 4.67 -21.48 -5.66
CA GLN B 184 5.68 -22.03 -6.55
C GLN B 184 5.47 -21.47 -7.97
N THR B 185 4.22 -21.51 -8.45
CA THR B 185 3.88 -20.99 -9.77
C THR B 185 4.19 -19.49 -9.86
N CYS B 186 4.04 -18.75 -8.74
CA CYS B 186 4.30 -17.32 -8.74
C CYS B 186 5.78 -17.03 -9.03
N THR B 187 6.70 -17.86 -8.52
CA THR B 187 8.13 -17.71 -8.83
C THR B 187 8.33 -17.72 -10.34
N LEU B 188 7.71 -18.69 -11.03
CA LEU B 188 7.82 -18.81 -12.47
C LEU B 188 7.33 -17.53 -13.14
N LEU B 189 6.18 -17.02 -12.68
CA LEU B 189 5.55 -15.84 -13.26
C LEU B 189 6.36 -14.58 -13.00
N GLY B 190 7.30 -14.64 -12.06
CA GLY B 190 8.23 -13.54 -11.81
C GLY B 190 7.86 -12.73 -10.57
N VAL B 191 7.19 -13.37 -9.60
CA VAL B 191 6.91 -12.76 -8.31
C VAL B 191 7.39 -13.73 -7.23
N PRO B 192 8.68 -13.69 -6.84
CA PRO B 192 9.25 -14.74 -6.00
C PRO B 192 8.63 -14.82 -4.60
N LYS B 193 8.40 -13.65 -3.96
CA LYS B 193 7.97 -13.61 -2.57
C LYS B 193 6.67 -12.83 -2.48
N PRO B 194 5.51 -13.49 -2.79
CA PRO B 194 4.25 -12.78 -2.96
C PRO B 194 3.51 -12.47 -1.66
N GLN B 195 2.70 -11.40 -1.71
CA GLN B 195 1.74 -11.09 -0.67
C GLN B 195 0.42 -11.77 -1.03
N VAL B 196 -0.03 -12.69 -0.15
CA VAL B 196 -1.16 -13.57 -0.43
C VAL B 196 -2.36 -13.12 0.38
N ALA B 197 -3.53 -13.07 -0.27
CA ALA B 197 -4.79 -12.85 0.44
C ALA B 197 -5.70 -14.07 0.25
N VAL B 198 -6.29 -14.53 1.34
CA VAL B 198 -7.19 -15.68 1.32
C VAL B 198 -8.63 -15.19 1.48
N PHE B 199 -9.51 -15.61 0.56
CA PHE B 199 -10.92 -15.29 0.67
C PHE B 199 -11.56 -16.11 1.78
N GLY B 200 -12.61 -15.54 2.40
CA GLY B 200 -13.48 -16.27 3.30
C GLY B 200 -14.40 -17.20 2.53
N ILE B 201 -14.81 -18.30 3.15
CA ILE B 201 -15.81 -19.18 2.59
C ILE B 201 -17.16 -18.47 2.66
N ASN B 202 -17.43 -17.88 3.82
CA ASN B 202 -18.70 -17.20 4.04
C ASN B 202 -18.55 -15.69 3.86
N PRO B 203 -19.64 -14.98 3.56
CA PRO B 203 -19.63 -13.51 3.46
C PRO B 203 -18.96 -12.87 4.68
N HIS B 204 -18.07 -11.90 4.42
CA HIS B 204 -17.34 -11.16 5.45
C HIS B 204 -16.45 -12.11 6.25
N ALA B 205 -15.92 -13.13 5.56
CA ALA B 205 -15.31 -14.29 6.21
C ALA B 205 -16.49 -14.83 7.02
N SER B 206 -16.39 -15.12 8.29
CA SER B 206 -17.63 -15.55 8.91
C SER B 206 -18.07 -14.50 9.90
N GLU B 207 -17.42 -13.34 9.80
CA GLU B 207 -17.48 -12.30 10.83
C GLU B 207 -17.33 -12.96 12.19
N GLY B 208 -16.14 -13.54 12.42
CA GLY B 208 -15.93 -14.39 13.58
C GLY B 208 -16.60 -15.74 13.38
N GLN B 209 -17.77 -15.94 14.00
CA GLN B 209 -18.59 -17.12 13.79
C GLN B 209 -20.05 -16.75 13.58
N LEU B 210 -20.34 -15.45 13.43
CA LEU B 210 -21.72 -14.98 13.34
C LEU B 210 -22.41 -15.56 12.10
N PHE B 211 -21.69 -15.65 10.96
CA PHE B 211 -22.29 -16.16 9.74
C PHE B 211 -21.64 -17.51 9.37
N GLY B 212 -21.70 -18.49 10.29
CA GLY B 212 -21.23 -19.84 10.02
C GLY B 212 -19.89 -20.16 10.70
N LEU B 213 -19.58 -21.46 10.80
CA LEU B 213 -18.40 -21.96 11.50
C LEU B 213 -17.28 -22.28 10.51
N GLU B 214 -17.59 -22.31 9.21
CA GLU B 214 -16.68 -22.88 8.23
C GLU B 214 -15.31 -22.21 8.31
N ASP B 215 -15.27 -20.88 8.40
CA ASP B 215 -14.00 -20.16 8.29
C ASP B 215 -13.14 -20.43 9.52
N SER B 216 -13.75 -20.55 10.70
CA SER B 216 -12.99 -20.85 11.89
C SER B 216 -12.40 -22.26 11.84
N GLN B 217 -13.03 -23.17 11.08
CA GLN B 217 -12.59 -24.55 11.01
C GLN B 217 -11.57 -24.80 9.90
N ILE B 218 -11.55 -23.92 8.87
CA ILE B 218 -10.93 -24.23 7.59
C ILE B 218 -9.90 -23.18 7.18
N THR B 219 -10.31 -21.93 6.94
CA THR B 219 -9.40 -20.94 6.39
C THR B 219 -8.51 -20.36 7.48
N VAL B 220 -9.05 -20.18 8.69
CA VAL B 220 -8.27 -19.58 9.76
C VAL B 220 -7.15 -20.54 10.16
N PRO B 221 -7.38 -21.83 10.49
CA PRO B 221 -6.29 -22.76 10.79
C PRO B 221 -5.25 -22.91 9.69
N ALA B 222 -5.70 -22.85 8.42
CA ALA B 222 -4.82 -23.01 7.27
C ALA B 222 -3.86 -21.83 7.14
N VAL B 223 -4.31 -20.63 7.51
CA VAL B 223 -3.50 -19.43 7.43
C VAL B 223 -2.44 -19.46 8.54
N GLU B 224 -2.77 -20.04 9.69
CA GLU B 224 -1.80 -20.16 10.78
C GLU B 224 -0.74 -21.20 10.44
N THR B 225 -1.12 -22.34 9.87
CA THR B 225 -0.16 -23.34 9.41
C THR B 225 0.79 -22.71 8.38
N LEU B 226 0.25 -21.85 7.52
CA LEU B 226 0.99 -21.20 6.45
C LEU B 226 1.92 -20.10 7.00
N ARG B 227 1.53 -19.43 8.08
CA ARG B 227 2.42 -18.47 8.72
C ARG B 227 3.58 -19.19 9.40
N LYS B 228 3.35 -20.33 10.09
CA LYS B 228 4.43 -21.07 10.74
C LYS B 228 5.56 -21.42 9.76
N ARG B 229 5.20 -21.62 8.47
CA ARG B 229 6.16 -21.92 7.42
C ARG B 229 6.75 -20.64 6.81
N GLY B 230 6.39 -19.47 7.35
CA GLY B 230 7.10 -18.21 7.07
C GLY B 230 6.48 -17.43 5.92
N LEU B 231 5.18 -17.61 5.67
CA LEU B 231 4.52 -17.04 4.50
C LEU B 231 3.74 -15.79 4.89
N THR B 232 3.77 -14.78 4.02
CA THR B 232 3.01 -13.55 4.21
C THR B 232 1.64 -13.75 3.55
N VAL B 233 0.65 -14.10 4.38
CA VAL B 233 -0.69 -14.47 3.96
C VAL B 233 -1.68 -13.78 4.90
N ASP B 234 -2.68 -13.10 4.33
CA ASP B 234 -3.72 -12.51 5.16
C ASP B 234 -4.82 -13.53 5.45
N GLY B 235 -5.10 -13.70 6.75
CA GLY B 235 -6.14 -14.60 7.22
C GLY B 235 -7.51 -14.14 6.73
N PRO B 236 -8.55 -14.99 6.68
CA PRO B 236 -9.58 -14.84 5.64
C PRO B 236 -10.37 -13.54 5.74
N MET B 237 -10.64 -12.91 4.59
CA MET B 237 -11.38 -11.67 4.53
C MET B 237 -12.44 -11.79 3.44
N GLY B 238 -13.46 -10.93 3.53
CA GLY B 238 -14.48 -10.84 2.51
C GLY B 238 -13.85 -10.59 1.13
N ALA B 239 -14.16 -11.48 0.18
CA ALA B 239 -13.57 -11.48 -1.14
C ALA B 239 -13.77 -10.11 -1.79
N ASP B 240 -14.94 -9.51 -1.55
CA ASP B 240 -15.27 -8.19 -2.07
C ASP B 240 -14.29 -7.15 -1.56
N MET B 241 -14.06 -7.15 -0.24
CA MET B 241 -13.29 -6.10 0.41
C MET B 241 -11.83 -6.18 -0.04
N VAL B 242 -11.24 -7.37 0.07
CA VAL B 242 -9.81 -7.53 -0.11
C VAL B 242 -9.43 -7.34 -1.58
N LEU B 243 -10.27 -7.88 -2.48
CA LEU B 243 -10.04 -7.79 -3.91
C LEU B 243 -10.01 -6.32 -4.32
N ALA B 244 -10.85 -5.51 -3.67
CA ALA B 244 -11.05 -4.12 -4.06
C ALA B 244 -9.81 -3.28 -3.78
N GLN B 245 -9.01 -3.68 -2.78
CA GLN B 245 -7.86 -2.90 -2.36
C GLN B 245 -6.72 -3.06 -3.35
N ARG B 246 -6.62 -4.23 -3.98
CA ARG B 246 -5.65 -4.46 -5.06
C ARG B 246 -4.23 -4.21 -4.56
N LYS B 247 -3.84 -4.92 -3.49
CA LYS B 247 -2.52 -4.76 -2.89
C LYS B 247 -1.94 -6.13 -2.56
N HIS B 248 -2.33 -7.16 -3.31
CA HIS B 248 -1.77 -8.49 -3.14
C HIS B 248 -1.40 -9.05 -4.51
N ASP B 249 -0.45 -9.97 -4.52
CA ASP B 249 0.03 -10.54 -5.77
C ASP B 249 -0.68 -11.85 -6.08
N LEU B 250 -1.45 -12.37 -5.12
CA LEU B 250 -2.08 -13.66 -5.27
C LEU B 250 -3.27 -13.75 -4.33
N TYR B 251 -4.45 -13.99 -4.92
CA TYR B 251 -5.64 -14.20 -4.11
C TYR B 251 -5.96 -15.69 -4.13
N VAL B 252 -6.53 -16.20 -3.04
CA VAL B 252 -6.90 -17.60 -2.94
C VAL B 252 -8.42 -17.68 -2.83
N ALA B 253 -9.05 -18.23 -3.87
CA ALA B 253 -10.51 -18.33 -3.89
C ALA B 253 -10.93 -19.71 -3.40
N MET B 254 -12.03 -19.75 -2.63
CA MET B 254 -12.58 -20.98 -2.12
C MET B 254 -13.49 -21.63 -3.17
N LEU B 255 -14.22 -20.79 -3.93
CA LEU B 255 -15.23 -21.25 -4.86
C LEU B 255 -15.00 -20.68 -6.25
N HIS B 256 -15.41 -21.44 -7.27
CA HIS B 256 -15.20 -21.09 -8.66
C HIS B 256 -15.52 -19.61 -8.91
N ASP B 257 -16.74 -19.20 -8.56
CA ASP B 257 -17.28 -17.91 -8.97
C ASP B 257 -16.52 -16.76 -8.31
N GLN B 258 -16.02 -16.99 -7.09
CA GLN B 258 -15.32 -15.97 -6.32
C GLN B 258 -14.11 -15.44 -7.09
N GLY B 259 -13.49 -16.31 -7.90
CA GLY B 259 -12.30 -15.95 -8.66
C GLY B 259 -12.62 -15.61 -10.11
N HIS B 260 -13.64 -16.28 -10.68
CA HIS B 260 -13.96 -16.18 -12.09
C HIS B 260 -14.65 -14.85 -12.39
N ILE B 261 -15.43 -14.34 -11.43
CA ILE B 261 -16.18 -13.10 -11.67
C ILE B 261 -15.21 -11.93 -11.84
N PRO B 262 -14.30 -11.65 -10.87
CA PRO B 262 -13.37 -10.53 -11.03
C PRO B 262 -12.53 -10.58 -12.30
N ILE B 263 -12.02 -11.76 -12.65
CA ILE B 263 -11.10 -11.93 -13.77
C ILE B 263 -11.82 -11.58 -15.08
N LYS B 264 -13.02 -12.16 -15.30
CA LYS B 264 -13.72 -12.01 -16.56
C LYS B 264 -14.30 -10.60 -16.70
N LEU B 265 -14.52 -9.94 -15.56
CA LEU B 265 -15.06 -8.59 -15.56
C LEU B 265 -13.96 -7.58 -15.91
N LEU B 266 -12.78 -7.76 -15.34
CA LEU B 266 -11.66 -6.84 -15.51
C LEU B 266 -10.84 -7.18 -16.76
N ALA B 267 -10.95 -8.40 -17.29
CA ALA B 267 -10.08 -8.81 -18.37
C ALA B 267 -10.80 -9.74 -19.34
N PRO B 268 -11.78 -9.25 -20.13
CA PRO B 268 -12.50 -10.08 -21.11
C PRO B 268 -11.65 -10.25 -22.37
N GLY B 270 -8.87 -10.98 -22.69
CA GLY B 270 -8.99 -12.37 -22.20
C GLY B 270 -7.96 -12.74 -21.12
N ALA B 271 -8.24 -13.81 -20.37
CA ALA B 271 -7.40 -14.25 -19.27
C ALA B 271 -6.54 -15.43 -19.72
N SER B 272 -5.52 -15.77 -18.94
CA SER B 272 -4.88 -17.06 -19.12
C SER B 272 -5.28 -18.00 -17.98
N ALA B 273 -5.46 -19.29 -18.31
CA ALA B 273 -5.82 -20.28 -17.30
C ALA B 273 -4.66 -21.25 -17.07
N LEU B 274 -4.10 -21.25 -15.87
CA LEU B 274 -2.93 -22.05 -15.55
C LEU B 274 -3.33 -23.26 -14.73
N SER B 275 -3.09 -24.45 -15.31
CA SER B 275 -3.20 -25.70 -14.60
C SER B 275 -1.84 -26.02 -14.00
N ILE B 276 -1.84 -26.25 -12.67
CA ILE B 276 -0.60 -26.37 -11.91
C ILE B 276 -0.60 -27.70 -11.18
N GLY B 277 0.45 -28.49 -11.42
CA GLY B 277 0.50 -29.87 -10.97
C GLY B 277 1.94 -30.36 -10.94
N GLY B 278 2.37 -30.87 -9.78
CA GLY B 278 3.79 -31.09 -9.54
C GLY B 278 4.56 -29.81 -9.86
N ARG B 279 5.59 -29.95 -10.72
CA ARG B 279 6.40 -28.80 -11.10
C ARG B 279 5.92 -28.26 -12.44
N VAL B 280 4.82 -28.78 -12.97
CA VAL B 280 4.38 -28.44 -14.31
C VAL B 280 3.36 -27.29 -14.24
N VAL B 281 3.62 -26.25 -15.02
CA VAL B 281 2.63 -25.21 -15.27
C VAL B 281 2.23 -25.25 -16.74
N LEU B 282 0.94 -25.50 -16.97
CA LEU B 282 0.38 -25.56 -18.31
C LEU B 282 -0.68 -24.47 -18.47
N SER B 283 -0.55 -23.65 -19.51
CA SER B 283 -1.50 -22.59 -19.76
C SER B 283 -2.12 -22.71 -21.15
N SER B 284 -3.44 -22.49 -21.20
CA SER B 284 -4.15 -22.34 -22.45
C SER B 284 -3.93 -20.93 -22.99
N VAL B 285 -4.37 -20.74 -24.24
CA VAL B 285 -4.37 -19.43 -24.88
C VAL B 285 -5.59 -18.62 -24.45
N GLY B 286 -6.73 -19.28 -24.20
CA GLY B 286 -7.88 -18.61 -23.60
C GLY B 286 -9.05 -18.43 -24.57
N HIS B 287 -8.79 -18.50 -25.88
CA HIS B 287 -9.82 -18.53 -26.91
C HIS B 287 -9.92 -19.95 -27.48
N GLY B 288 -10.93 -20.20 -28.31
CA GLY B 288 -11.18 -21.51 -28.86
C GLY B 288 -10.36 -21.79 -30.12
N SER B 289 -10.74 -22.90 -30.76
CA SER B 289 -10.11 -23.59 -31.89
C SER B 289 -10.37 -22.83 -33.21
N ALA B 290 -11.49 -22.09 -33.21
CA ALA B 290 -11.87 -21.24 -34.31
C ALA B 290 -11.86 -21.98 -35.65
N MET B 291 -12.59 -23.12 -35.71
CA MET B 291 -12.62 -23.95 -36.89
C MET B 291 -13.12 -23.18 -38.12
N ASP B 292 -13.93 -22.14 -37.90
CA ASP B 292 -14.52 -21.40 -39.00
C ASP B 292 -13.47 -20.64 -39.84
N ILE B 293 -12.36 -20.23 -39.22
CA ILE B 293 -11.33 -19.43 -39.89
C ILE B 293 -10.05 -20.24 -40.11
N ALA B 294 -10.11 -21.55 -39.82
CA ALA B 294 -8.90 -22.36 -39.86
C ALA B 294 -8.40 -22.45 -41.31
N GLY B 295 -7.13 -22.09 -41.50
CA GLY B 295 -6.38 -22.45 -42.69
C GLY B 295 -6.49 -21.40 -43.79
N ARG B 296 -7.00 -20.21 -43.44
CA ARG B 296 -7.11 -19.13 -44.41
C ARG B 296 -5.95 -18.12 -44.22
N GLY B 297 -5.18 -18.27 -43.15
CA GLY B 297 -4.04 -17.41 -42.87
C GLY B 297 -4.45 -16.03 -42.31
N VAL B 298 -5.54 -16.00 -41.52
CA VAL B 298 -6.13 -14.76 -41.05
C VAL B 298 -6.20 -14.71 -39.52
N ALA B 299 -5.51 -15.61 -38.81
CA ALA B 299 -5.75 -15.79 -37.38
C ALA B 299 -4.75 -14.94 -36.60
N ASP B 300 -5.27 -14.24 -35.58
CA ASP B 300 -4.50 -13.41 -34.67
C ASP B 300 -3.81 -14.25 -33.58
N ALA B 301 -2.49 -14.03 -33.42
CA ALA B 301 -1.70 -14.79 -32.46
C ALA B 301 -1.44 -13.95 -31.20
N THR B 302 -2.18 -12.86 -31.02
CA THR B 302 -1.92 -11.94 -29.90
C THR B 302 -2.14 -12.65 -28.56
N ALA B 303 -3.21 -13.44 -28.44
CA ALA B 303 -3.49 -14.14 -27.19
C ALA B 303 -2.39 -15.15 -26.86
N LEU B 304 -1.87 -15.83 -27.88
CA LEU B 304 -0.77 -16.77 -27.69
C LEU B 304 0.50 -16.02 -27.27
N LEU B 305 0.80 -14.90 -27.94
CA LEU B 305 1.96 -14.09 -27.63
C LEU B 305 1.86 -13.56 -26.20
N ARG B 306 0.63 -13.24 -25.76
CA ARG B 306 0.41 -12.74 -24.42
C ARG B 306 0.64 -13.86 -23.40
N THR B 307 0.33 -15.12 -23.77
CA THR B 307 0.53 -16.27 -22.90
C THR B 307 2.02 -16.57 -22.80
N ILE B 308 2.71 -16.53 -23.94
CA ILE B 308 4.14 -16.74 -23.97
C ILE B 308 4.85 -15.73 -23.06
N ALA B 309 4.46 -14.45 -23.16
CA ALA B 309 5.06 -13.37 -22.38
C ALA B 309 4.86 -13.60 -20.88
N LEU B 310 3.72 -14.17 -20.51
CA LEU B 310 3.35 -14.34 -19.12
C LEU B 310 4.12 -15.49 -18.49
N LEU B 311 4.21 -16.61 -19.22
CA LEU B 311 4.95 -17.78 -18.78
C LEU B 311 6.44 -17.62 -19.01
N GLY B 312 6.87 -16.68 -19.85
CA GLY B 312 8.29 -16.50 -20.10
C GLY B 312 8.88 -15.30 -19.36
N ALA B 313 8.29 -14.93 -18.21
CA ALA B 313 8.61 -13.68 -17.55
C ALA B 313 10.00 -13.74 -16.91
N GLN B 314 10.62 -12.55 -16.79
CA GLN B 314 11.98 -12.43 -16.29
C GLN B 314 12.03 -12.96 -14.85
N PRO B 315 12.87 -13.99 -14.56
CA PRO B 315 13.08 -14.43 -13.18
C PRO B 315 13.59 -13.18 -12.44
N VAL B 316 13.12 -12.96 -11.20
CA VAL B 316 13.44 -11.74 -10.50
C VAL B 316 13.56 -12.00 -8.97
N ALA C 1 -24.87 23.48 -14.16
CA ALA C 1 -26.25 24.00 -14.37
C ALA C 1 -27.25 22.87 -14.14
N MET C 2 -26.86 21.85 -13.37
CA MET C 2 -27.53 20.55 -13.40
C MET C 2 -28.58 20.47 -12.30
N THR C 3 -29.79 19.98 -12.65
CA THR C 3 -30.82 19.61 -11.70
C THR C 3 -30.83 18.09 -11.52
N ILE C 4 -30.71 17.60 -10.28
CA ILE C 4 -30.58 16.17 -10.02
C ILE C 4 -31.77 15.58 -9.28
N VAL C 5 -32.67 16.41 -8.76
CA VAL C 5 -33.79 15.97 -7.93
C VAL C 5 -35.10 16.21 -8.69
N HIS C 6 -35.71 15.16 -9.23
CA HIS C 6 -36.94 15.34 -10.00
C HIS C 6 -38.08 14.56 -9.36
N ARG C 7 -37.96 14.23 -8.06
CA ARG C 7 -39.04 13.63 -7.31
C ARG C 7 -38.89 13.87 -5.81
N ARG C 8 -39.98 13.60 -5.07
CA ARG C 8 -40.03 13.85 -3.64
C ARG C 8 -39.19 12.80 -2.92
N LEU C 9 -38.34 13.26 -1.98
CA LEU C 9 -37.48 12.38 -1.20
C LEU C 9 -37.53 12.76 0.26
N ALA C 10 -37.26 11.78 1.14
CA ALA C 10 -37.03 12.04 2.55
C ALA C 10 -35.54 11.93 2.84
N LEU C 11 -35.03 12.86 3.65
CA LEU C 11 -33.63 12.87 4.07
C LEU C 11 -33.59 12.87 5.60
N ALA C 12 -33.23 11.71 6.16
CA ALA C 12 -33.01 11.57 7.59
C ALA C 12 -31.56 11.91 7.90
N ILE C 13 -31.32 12.74 8.92
CA ILE C 13 -30.04 13.40 9.03
C ILE C 13 -29.04 12.54 9.79
N GLY C 14 -29.51 11.38 10.26
CA GLY C 14 -28.64 10.42 10.90
C GLY C 14 -28.27 10.82 12.32
N ASP C 15 -27.07 10.44 12.74
CA ASP C 15 -26.58 10.74 14.07
C ASP C 15 -26.39 12.24 14.19
N PRO C 16 -27.15 12.92 15.08
CA PRO C 16 -27.10 14.37 15.19
C PRO C 16 -25.79 14.92 15.77
N HIS C 17 -24.94 14.00 16.26
CA HIS C 17 -23.65 14.35 16.80
C HIS C 17 -22.56 14.14 15.75
N GLY C 18 -22.88 13.46 14.65
CA GLY C 18 -21.91 13.23 13.59
C GLY C 18 -22.02 14.29 12.49
N ILE C 19 -21.55 13.91 11.29
CA ILE C 19 -21.46 14.81 10.17
C ILE C 19 -22.75 14.81 9.36
N GLY C 20 -23.75 14.01 9.77
CA GLY C 20 -25.00 13.91 9.03
C GLY C 20 -25.64 15.28 8.81
N PRO C 21 -25.98 16.01 9.90
CA PRO C 21 -26.55 17.35 9.79
C PRO C 21 -25.79 18.27 8.85
N GLU C 22 -24.46 18.32 9.02
CA GLU C 22 -23.58 19.16 8.22
C GLU C 22 -23.73 18.83 6.73
N ILE C 23 -23.60 17.55 6.38
CA ILE C 23 -23.64 17.14 4.98
C ILE C 23 -25.05 17.30 4.42
N ALA C 24 -26.08 17.19 5.27
CA ALA C 24 -27.42 17.50 4.81
C ALA C 24 -27.49 18.95 4.32
N LEU C 25 -27.05 19.89 5.17
CA LEU C 25 -27.09 21.30 4.82
C LEU C 25 -26.27 21.57 3.57
N LYS C 26 -25.07 20.98 3.48
CA LYS C 26 -24.17 21.30 2.38
C LYS C 26 -24.76 20.84 1.05
N ALA C 27 -25.46 19.70 1.07
CA ALA C 27 -26.08 19.15 -0.14
C ALA C 27 -27.26 20.03 -0.57
N LEU C 28 -28.13 20.40 0.37
CA LEU C 28 -29.32 21.19 0.06
C LEU C 28 -28.91 22.55 -0.49
N GLN C 29 -27.88 23.16 0.14
CA GLN C 29 -27.30 24.42 -0.29
C GLN C 29 -27.02 24.39 -1.79
N GLN C 30 -26.52 23.27 -2.31
CA GLN C 30 -26.09 23.20 -3.70
C GLN C 30 -27.26 23.00 -4.65
N LEU C 31 -28.45 22.71 -4.13
CA LEU C 31 -29.61 22.47 -4.98
C LEU C 31 -30.30 23.79 -5.32
N SER C 32 -31.16 23.73 -6.35
CA SER C 32 -32.08 24.82 -6.68
C SER C 32 -33.07 25.03 -5.53
N ALA C 33 -33.84 26.11 -5.59
CA ALA C 33 -34.89 26.35 -4.60
C ALA C 33 -36.04 25.37 -4.79
N THR C 34 -36.41 25.16 -6.08
CA THR C 34 -37.42 24.19 -6.45
C THR C 34 -37.02 22.78 -6.02
N GLU C 35 -35.72 22.45 -6.09
CA GLU C 35 -35.23 21.13 -5.74
C GLU C 35 -35.27 20.91 -4.24
N ARG C 36 -34.98 21.97 -3.45
CA ARG C 36 -34.97 21.86 -2.00
C ARG C 36 -36.36 21.59 -1.49
N SER C 37 -37.36 22.12 -2.23
CA SER C 37 -38.75 22.01 -1.82
C SER C 37 -39.25 20.58 -1.99
N LEU C 38 -38.51 19.77 -2.75
CA LEU C 38 -38.84 18.37 -3.00
C LEU C 38 -38.16 17.45 -1.98
N ILE C 39 -37.30 18.01 -1.11
CA ILE C 39 -36.59 17.21 -0.14
C ILE C 39 -37.06 17.58 1.25
N LYS C 40 -37.76 16.64 1.88
CA LYS C 40 -38.23 16.82 3.24
C LYS C 40 -37.25 16.18 4.20
N VAL C 41 -36.89 16.94 5.25
CA VAL C 41 -35.80 16.60 6.14
C VAL C 41 -36.38 16.11 7.46
N TYR C 42 -35.85 14.98 7.94
CA TYR C 42 -36.31 14.41 9.19
C TYR C 42 -35.14 14.38 10.17
N GLY C 43 -35.34 14.94 11.34
CA GLY C 43 -34.29 15.05 12.32
C GLY C 43 -34.61 16.14 13.34
N PRO C 44 -33.82 16.21 14.43
CA PRO C 44 -33.93 17.31 15.38
C PRO C 44 -33.52 18.65 14.77
N TRP C 45 -34.39 19.64 14.88
CA TRP C 45 -34.10 20.98 14.41
C TRP C 45 -32.86 21.53 15.12
N SER C 46 -32.68 21.12 16.38
CA SER C 46 -31.59 21.63 17.21
C SER C 46 -30.23 21.34 16.57
N ALA C 47 -30.14 20.24 15.81
CA ALA C 47 -28.88 19.77 15.26
C ALA C 47 -28.57 20.48 13.94
N LEU C 48 -29.64 20.77 13.20
CA LEU C 48 -29.51 21.49 11.95
C LEU C 48 -29.14 22.93 12.27
N GLU C 49 -29.67 23.45 13.39
CA GLU C 49 -29.34 24.78 13.88
C GLU C 49 -27.84 24.89 14.18
N GLN C 50 -27.34 23.95 14.99
CA GLN C 50 -25.94 23.84 15.36
C GLN C 50 -25.02 23.75 14.13
N ALA C 51 -25.33 22.85 13.20
CA ALA C 51 -24.53 22.69 11.99
C ALA C 51 -24.55 23.97 11.15
N ALA C 52 -25.69 24.67 11.11
CA ALA C 52 -25.86 25.86 10.28
C ALA C 52 -25.02 27.02 10.83
N GLN C 53 -25.00 27.17 12.16
CA GLN C 53 -24.20 28.21 12.79
C GLN C 53 -22.73 27.95 12.49
N ILE C 54 -22.29 26.68 12.64
CA ILE C 54 -20.92 26.28 12.35
C ILE C 54 -20.52 26.60 10.90
N CYS C 55 -21.30 26.10 9.93
CA CYS C 55 -20.99 26.27 8.52
C CYS C 55 -21.36 27.65 7.99
N GLN C 56 -22.07 28.44 8.80
CA GLN C 56 -22.50 29.78 8.41
C GLN C 56 -23.51 29.67 7.25
N MET C 57 -24.62 28.96 7.52
CA MET C 57 -25.66 28.72 6.54
C MET C 57 -27.04 28.90 7.17
N GLU C 58 -27.14 29.81 8.17
CA GLU C 58 -28.42 30.10 8.80
C GLU C 58 -29.41 30.65 7.78
N SER C 59 -28.87 31.32 6.75
CA SER C 59 -29.61 31.77 5.60
C SER C 59 -30.47 30.64 5.00
N LEU C 60 -30.08 29.37 5.18
CA LEU C 60 -30.68 28.28 4.43
C LEU C 60 -31.89 27.67 5.14
N LEU C 61 -31.96 27.84 6.46
CA LEU C 61 -32.89 27.09 7.31
C LEU C 61 -34.33 27.47 7.01
N GLN C 62 -34.56 28.76 6.70
CA GLN C 62 -35.90 29.31 6.53
C GLN C 62 -36.56 28.70 5.30
N ASP C 63 -35.75 28.20 4.34
CA ASP C 63 -36.25 27.67 3.09
C ASP C 63 -36.17 26.15 3.09
N LEU C 64 -36.34 25.54 4.26
CA LEU C 64 -36.14 24.11 4.37
C LEU C 64 -37.45 23.45 4.79
N ILE C 65 -37.87 22.42 4.05
CA ILE C 65 -39.03 21.66 4.46
C ILE C 65 -38.55 20.67 5.51
N HIS C 66 -39.22 20.67 6.67
CA HIS C 66 -38.71 19.93 7.82
C HIS C 66 -39.83 19.33 8.67
N GLU C 67 -39.55 18.17 9.26
CA GLU C 67 -40.41 17.57 10.25
C GLU C 67 -39.54 17.19 11.45
N GLU C 68 -39.85 17.75 12.62
CA GLU C 68 -39.16 17.39 13.85
C GLU C 68 -39.29 15.89 14.04
N ALA C 69 -38.16 15.25 14.38
CA ALA C 69 -38.11 13.81 14.64
C ALA C 69 -36.79 13.52 15.32
N GLY C 70 -36.77 12.63 16.31
CA GLY C 70 -35.55 12.40 17.05
C GLY C 70 -35.10 13.65 17.79
N SER C 71 -36.06 14.36 18.39
CA SER C 71 -35.79 15.50 19.23
C SER C 71 -34.91 15.04 20.38
N LEU C 72 -34.03 15.94 20.86
CA LEU C 72 -33.18 15.69 22.00
C LEU C 72 -33.73 16.44 23.21
N ALA C 73 -33.30 16.02 24.41
CA ALA C 73 -33.74 16.63 25.67
C ALA C 73 -32.68 17.57 26.24
N GLN C 74 -31.51 17.65 25.57
CA GLN C 74 -30.38 18.43 26.04
C GLN C 74 -29.59 18.88 24.82
N PRO C 75 -28.68 19.87 24.92
CA PRO C 75 -27.99 20.39 23.75
C PRO C 75 -27.20 19.33 23.00
N VAL C 76 -27.03 19.56 21.69
CA VAL C 76 -26.20 18.72 20.85
C VAL C 76 -24.74 18.83 21.30
N GLN C 77 -24.03 17.70 21.28
CA GLN C 77 -22.60 17.62 21.61
C GLN C 77 -21.85 17.00 20.43
N CYS C 78 -21.27 17.82 19.53
CA CYS C 78 -20.67 17.27 18.32
C CYS C 78 -19.48 16.38 18.67
N GLY C 79 -19.33 15.25 17.98
CA GLY C 79 -18.21 14.33 18.15
C GLY C 79 -18.44 13.23 19.18
N GLU C 80 -19.49 13.36 19.99
CA GLU C 80 -19.70 12.51 21.15
C GLU C 80 -20.63 11.33 20.83
N ILE C 81 -20.27 10.12 21.27
CA ILE C 81 -21.12 8.94 21.16
C ILE C 81 -22.04 8.83 22.36
N THR C 82 -23.35 9.07 22.19
CA THR C 82 -24.28 9.03 23.32
C THR C 82 -25.52 8.24 22.91
N PRO C 83 -26.11 7.45 23.85
CA PRO C 83 -27.35 6.73 23.58
C PRO C 83 -28.47 7.60 23.00
N GLN C 84 -28.56 8.85 23.46
CA GLN C 84 -29.60 9.78 23.05
C GLN C 84 -29.50 10.05 21.55
N ALA C 85 -28.26 10.11 21.05
CA ALA C 85 -28.05 10.45 19.66
C ALA C 85 -28.37 9.25 18.77
N GLY C 86 -28.19 8.05 19.34
CA GLY C 86 -28.51 6.80 18.67
C GLY C 86 -30.02 6.61 18.52
N LEU C 87 -30.77 7.00 19.55
CA LEU C 87 -32.23 6.96 19.47
C LEU C 87 -32.72 7.97 18.43
N SER C 88 -32.19 9.19 18.49
CA SER C 88 -32.53 10.21 17.51
C SER C 88 -32.38 9.61 16.10
N THR C 89 -31.26 8.89 15.90
CA THR C 89 -30.90 8.37 14.59
C THR C 89 -32.02 7.47 14.07
N VAL C 90 -32.45 6.55 14.91
CA VAL C 90 -33.44 5.56 14.54
C VAL C 90 -34.81 6.23 14.39
N GLN C 91 -35.14 7.17 15.29
CA GLN C 91 -36.43 7.82 15.25
C GLN C 91 -36.61 8.59 13.96
N SER C 92 -35.53 9.23 13.53
CA SER C 92 -35.56 10.10 12.37
C SER C 92 -35.68 9.25 11.09
N ALA C 93 -34.93 8.14 11.05
CA ALA C 93 -34.98 7.28 9.88
C ALA C 93 -36.33 6.59 9.83
N THR C 94 -36.88 6.29 11.00
CA THR C 94 -38.18 5.64 11.14
C THR C 94 -39.28 6.59 10.65
N ALA C 95 -39.12 7.88 10.94
CA ALA C 95 -40.07 8.89 10.50
C ALA C 95 -40.02 9.05 8.98
N ALA C 96 -38.82 8.99 8.40
CA ALA C 96 -38.65 9.15 6.96
C ALA C 96 -39.21 7.94 6.21
N ILE C 97 -38.97 6.74 6.73
CA ILE C 97 -39.47 5.51 6.14
C ILE C 97 -40.99 5.57 6.07
N ARG C 98 -41.62 6.07 7.14
CA ARG C 98 -43.07 6.01 7.27
C ARG C 98 -43.70 7.00 6.30
N ALA C 99 -42.98 8.08 6.01
CA ALA C 99 -43.43 9.06 5.04
C ALA C 99 -43.42 8.44 3.65
N CYS C 100 -42.50 7.48 3.43
CA CYS C 100 -42.40 6.77 2.17
C CYS C 100 -43.51 5.71 2.07
N GLU C 101 -43.75 4.98 3.16
CA GLU C 101 -44.80 3.96 3.20
C GLU C 101 -46.18 4.57 2.96
N SER C 102 -46.43 5.75 3.52
CA SER C 102 -47.71 6.43 3.38
C SER C 102 -47.80 7.11 2.02
N GLY C 103 -46.66 7.42 1.40
CA GLY C 103 -46.64 7.96 0.05
C GLY C 103 -46.41 9.47 0.00
N GLU C 104 -46.04 10.07 1.12
CA GLU C 104 -45.67 11.47 1.12
C GLU C 104 -44.42 11.70 0.27
N VAL C 105 -43.48 10.74 0.27
CA VAL C 105 -42.28 10.80 -0.57
C VAL C 105 -42.11 9.48 -1.31
N ASP C 106 -41.16 9.41 -2.26
CA ASP C 106 -41.01 8.25 -3.12
C ASP C 106 -39.82 7.39 -2.74
N ALA C 107 -38.85 7.97 -2.02
CA ALA C 107 -37.73 7.18 -1.53
C ALA C 107 -37.09 7.89 -0.36
N VAL C 108 -36.15 7.21 0.29
CA VAL C 108 -35.53 7.70 1.52
C VAL C 108 -34.02 7.60 1.37
N ILE C 109 -33.33 8.62 1.90
CA ILE C 109 -31.90 8.58 2.06
C ILE C 109 -31.62 8.75 3.55
N ALA C 110 -30.67 7.97 4.06
CA ALA C 110 -30.25 8.04 5.44
C ALA C 110 -28.80 8.51 5.52
N CYS C 111 -28.58 9.66 6.17
CA CYS C 111 -27.25 10.14 6.49
C CYS C 111 -26.67 9.18 7.50
N PRO C 112 -25.34 9.24 7.78
CA PRO C 112 -24.67 8.24 8.61
C PRO C 112 -25.16 8.07 10.04
N HIS C 113 -25.24 6.79 10.46
CA HIS C 113 -25.54 6.40 11.81
C HIS C 113 -24.23 6.03 12.50
N HIS C 114 -24.23 5.97 13.83
CA HIS C 114 -23.12 5.38 14.54
C HIS C 114 -23.62 4.12 15.26
N GLU C 115 -23.04 2.96 14.92
CA GLU C 115 -23.56 1.67 15.35
C GLU C 115 -23.52 1.57 16.87
N THR C 116 -22.47 2.12 17.47
CA THR C 116 -22.29 2.02 18.92
C THR C 116 -23.36 2.84 19.62
N ALA C 117 -23.64 4.04 19.07
CA ALA C 117 -24.60 4.96 19.68
C ALA C 117 -25.97 4.26 19.74
N ILE C 118 -26.33 3.62 18.63
CA ILE C 118 -27.63 2.96 18.54
C ILE C 118 -27.64 1.83 19.55
N HIS C 119 -26.53 1.07 19.63
CA HIS C 119 -26.46 -0.10 20.50
C HIS C 119 -26.58 0.35 21.95
N ARG C 120 -25.89 1.43 22.33
CA ARG C 120 -25.90 1.89 23.70
C ARG C 120 -27.28 2.37 24.14
N ALA C 121 -28.20 2.58 23.19
CA ALA C 121 -29.55 2.98 23.53
C ALA C 121 -30.43 1.74 23.74
N GLY C 122 -29.87 0.56 23.54
CA GLY C 122 -30.56 -0.69 23.80
C GLY C 122 -31.38 -1.15 22.60
N ILE C 123 -31.00 -0.73 21.39
CA ILE C 123 -31.74 -0.99 20.17
C ILE C 123 -30.95 -1.96 19.29
N ALA C 124 -31.62 -3.05 18.86
CA ALA C 124 -31.02 -3.99 17.92
C ALA C 124 -30.94 -3.36 16.52
N PHE C 125 -29.78 -3.52 15.88
CA PHE C 125 -29.56 -2.92 14.59
C PHE C 125 -28.45 -3.69 13.86
N SER C 126 -28.82 -4.27 12.71
CA SER C 126 -27.89 -5.04 11.89
C SER C 126 -27.80 -4.43 10.49
N GLY C 127 -28.09 -3.14 10.37
CA GLY C 127 -28.12 -2.48 9.08
C GLY C 127 -29.53 -2.08 8.65
N TYR C 128 -29.59 -1.41 7.50
CA TYR C 128 -30.80 -0.78 7.02
C TYR C 128 -31.82 -1.83 6.63
N PRO C 129 -31.41 -2.96 5.98
CA PRO C 129 -32.37 -4.01 5.61
C PRO C 129 -33.26 -4.43 6.79
N SER C 130 -32.64 -4.64 7.96
CA SER C 130 -33.36 -5.08 9.15
C SER C 130 -34.29 -3.98 9.65
N LEU C 131 -33.77 -2.74 9.73
CA LEU C 131 -34.54 -1.63 10.29
C LEU C 131 -35.86 -1.51 9.52
N LEU C 132 -35.73 -1.58 8.20
CA LEU C 132 -36.85 -1.33 7.30
C LEU C 132 -37.87 -2.45 7.45
N ALA C 133 -37.37 -3.70 7.54
CA ALA C 133 -38.23 -4.85 7.83
C ALA C 133 -39.03 -4.64 9.10
N ASN C 134 -38.31 -4.21 10.16
CA ASN C 134 -38.89 -3.94 11.46
C ASN C 134 -40.03 -2.91 11.33
N VAL C 135 -39.71 -1.70 10.84
CA VAL C 135 -40.65 -0.59 10.84
C VAL C 135 -41.89 -0.89 9.98
N LEU C 136 -41.73 -1.70 8.92
CA LEU C 136 -42.78 -1.93 7.94
C LEU C 136 -43.63 -3.15 8.29
N GLY C 137 -43.16 -3.96 9.24
CA GLY C 137 -43.90 -5.15 9.68
C GLY C 137 -43.69 -6.34 8.75
N MET C 138 -42.45 -6.54 8.29
CA MET C 138 -42.11 -7.58 7.34
C MET C 138 -41.04 -8.50 7.94
N ASN C 139 -41.04 -9.77 7.46
CA ASN C 139 -39.93 -10.69 7.72
C ASN C 139 -38.68 -10.11 7.08
N GLU C 140 -37.55 -10.34 7.74
CA GLU C 140 -36.31 -9.71 7.32
C GLU C 140 -35.90 -10.20 5.92
N ASP C 141 -36.32 -11.42 5.55
CA ASP C 141 -35.94 -12.04 4.29
C ASP C 141 -36.88 -11.67 3.14
N GLU C 142 -37.85 -10.76 3.39
CA GLU C 142 -38.66 -10.13 2.33
C GLU C 142 -38.18 -8.70 2.04
N VAL C 143 -37.07 -8.29 2.65
CA VAL C 143 -36.42 -7.04 2.31
C VAL C 143 -35.07 -7.42 1.74
N PHE C 144 -34.74 -6.85 0.58
CA PHE C 144 -33.58 -7.26 -0.16
C PHE C 144 -32.67 -6.05 -0.32
N LEU C 145 -31.36 -6.33 -0.49
CA LEU C 145 -30.34 -5.32 -0.74
C LEU C 145 -29.96 -5.31 -2.22
N MET C 146 -30.09 -4.14 -2.87
CA MET C 146 -29.59 -3.96 -4.22
C MET C 146 -28.37 -3.04 -4.16
N LEU C 147 -27.21 -3.50 -4.69
CA LEU C 147 -26.05 -2.64 -4.83
C LEU C 147 -26.09 -2.00 -6.22
N VAL C 148 -25.71 -0.72 -6.27
CA VAL C 148 -25.59 0.01 -7.52
C VAL C 148 -24.22 0.67 -7.56
N GLY C 149 -23.44 0.36 -8.60
CA GLY C 149 -22.19 1.04 -8.83
C GLY C 149 -21.68 0.78 -10.25
N ALA C 150 -21.10 1.81 -10.86
CA ALA C 150 -20.45 1.67 -12.16
C ALA C 150 -21.37 0.99 -13.16
N GLY C 151 -22.66 1.39 -13.19
CA GLY C 151 -23.61 0.90 -14.18
C GLY C 151 -24.30 -0.40 -13.76
N LEU C 152 -23.70 -1.15 -12.82
CA LEU C 152 -24.20 -2.44 -12.40
C LEU C 152 -25.26 -2.27 -11.31
N ARG C 153 -26.41 -2.93 -11.51
CA ARG C 153 -27.42 -3.03 -10.49
C ARG C 153 -27.59 -4.51 -10.18
N ILE C 154 -27.35 -4.89 -8.92
CA ILE C 154 -27.36 -6.28 -8.53
C ILE C 154 -28.19 -6.43 -7.25
N VAL C 155 -29.32 -7.14 -7.32
CA VAL C 155 -30.11 -7.48 -6.15
C VAL C 155 -29.65 -8.85 -5.65
N HIS C 156 -29.73 -9.05 -4.32
CA HIS C 156 -29.23 -10.26 -3.67
C HIS C 156 -30.40 -11.03 -3.09
N VAL C 157 -30.53 -12.32 -3.44
CA VAL C 157 -31.63 -13.13 -2.93
C VAL C 157 -31.34 -13.51 -1.48
N THR C 158 -30.07 -13.83 -1.19
CA THR C 158 -29.64 -13.98 0.20
C THR C 158 -28.52 -12.98 0.45
N LEU C 159 -28.25 -12.72 1.73
CA LEU C 159 -27.29 -11.70 2.09
C LEU C 159 -26.40 -12.21 3.23
N HIS C 160 -26.58 -11.69 4.45
CA HIS C 160 -25.54 -11.82 5.46
C HIS C 160 -25.74 -13.12 6.24
N GLU C 161 -25.38 -14.26 5.64
CA GLU C 161 -25.49 -15.55 6.29
C GLU C 161 -24.49 -16.49 5.62
N SER C 162 -24.31 -17.67 6.22
CA SER C 162 -23.36 -18.64 5.71
C SER C 162 -23.89 -19.22 4.39
N VAL C 163 -23.00 -19.77 3.58
CA VAL C 163 -23.35 -20.28 2.27
C VAL C 163 -24.31 -21.44 2.45
N ARG C 164 -24.05 -22.30 3.44
CA ARG C 164 -24.94 -23.42 3.72
C ARG C 164 -26.33 -22.90 4.05
N SER C 165 -26.43 -21.96 5.01
CA SER C 165 -27.75 -21.49 5.40
C SER C 165 -28.42 -20.72 4.26
N ALA C 166 -27.66 -20.08 3.34
CA ALA C 166 -28.25 -19.46 2.16
C ALA C 166 -28.85 -20.53 1.25
N LEU C 167 -28.14 -21.63 1.05
CA LEU C 167 -28.60 -22.69 0.16
C LEU C 167 -29.83 -23.37 0.74
N GLU C 168 -29.91 -23.46 2.08
CA GLU C 168 -31.01 -24.14 2.76
C GLU C 168 -32.31 -23.31 2.71
N ARG C 169 -32.19 -21.99 2.50
CA ARG C 169 -33.33 -21.06 2.49
C ARG C 169 -33.75 -20.73 1.06
N LEU C 170 -32.87 -20.98 0.09
CA LEU C 170 -33.09 -20.56 -1.29
C LEU C 170 -34.28 -21.33 -1.83
N SER C 171 -35.30 -20.61 -2.32
CA SER C 171 -36.41 -21.27 -2.97
C SER C 171 -36.80 -20.53 -4.26
N PRO C 172 -37.58 -21.16 -5.16
CA PRO C 172 -38.15 -20.46 -6.31
C PRO C 172 -38.87 -19.18 -5.92
N GLN C 173 -39.69 -19.23 -4.86
CA GLN C 173 -40.49 -18.08 -4.44
C GLN C 173 -39.59 -16.95 -3.95
N LEU C 174 -38.46 -17.27 -3.28
CA LEU C 174 -37.60 -16.24 -2.71
C LEU C 174 -36.94 -15.47 -3.85
N VAL C 175 -36.45 -16.21 -4.87
CA VAL C 175 -35.87 -15.59 -6.04
C VAL C 175 -36.91 -14.67 -6.69
N ILE C 176 -38.14 -15.17 -6.84
CA ILE C 176 -39.17 -14.38 -7.51
C ILE C 176 -39.35 -13.05 -6.79
N ASN C 177 -39.43 -13.10 -5.44
CA ASN C 177 -39.71 -11.92 -4.64
C ASN C 177 -38.61 -10.88 -4.86
N ALA C 178 -37.36 -11.34 -4.87
CA ALA C 178 -36.21 -10.45 -5.01
C ALA C 178 -36.27 -9.71 -6.34
N VAL C 179 -36.71 -10.43 -7.37
CA VAL C 179 -36.72 -9.89 -8.71
C VAL C 179 -37.80 -8.82 -8.81
N ASP C 180 -39.03 -9.13 -8.35
CA ASP C 180 -40.12 -8.19 -8.51
C ASP C 180 -39.90 -6.98 -7.59
N ALA C 181 -39.23 -7.17 -6.43
CA ALA C 181 -38.86 -6.04 -5.59
C ALA C 181 -37.88 -5.14 -6.34
N ALA C 182 -36.90 -5.75 -7.00
CA ALA C 182 -35.82 -5.04 -7.66
C ALA C 182 -36.30 -4.36 -8.95
N VAL C 183 -37.27 -4.99 -9.64
CA VAL C 183 -37.82 -4.46 -10.88
C VAL C 183 -38.61 -3.18 -10.55
N GLN C 184 -39.50 -3.25 -9.56
CA GLN C 184 -40.19 -2.07 -9.06
C GLN C 184 -39.18 -0.97 -8.74
N THR C 185 -38.08 -1.33 -8.05
CA THR C 185 -37.02 -0.39 -7.72
C THR C 185 -36.37 0.16 -8.99
N CYS C 186 -36.30 -0.64 -10.06
CA CYS C 186 -35.72 -0.19 -11.33
C CYS C 186 -36.53 0.96 -11.94
N THR C 187 -37.87 0.92 -11.80
CA THR C 187 -38.73 2.00 -12.26
C THR C 187 -38.29 3.31 -11.61
N LEU C 188 -38.09 3.27 -10.28
CA LEU C 188 -37.67 4.44 -9.52
C LEU C 188 -36.34 4.96 -10.08
N LEU C 189 -35.40 4.04 -10.35
CA LEU C 189 -34.06 4.42 -10.79
C LEU C 189 -34.09 4.93 -12.22
N GLY C 190 -35.19 4.72 -12.94
CA GLY C 190 -35.41 5.33 -14.25
C GLY C 190 -35.24 4.34 -15.39
N VAL C 191 -35.48 3.05 -15.14
CA VAL C 191 -35.43 2.02 -16.15
C VAL C 191 -36.75 1.24 -16.06
N PRO C 192 -37.78 1.68 -16.83
CA PRO C 192 -39.13 1.13 -16.70
C PRO C 192 -39.24 -0.36 -17.01
N LYS C 193 -38.59 -0.80 -18.11
CA LYS C 193 -38.67 -2.19 -18.53
C LYS C 193 -37.27 -2.77 -18.61
N PRO C 194 -36.71 -3.22 -17.46
CA PRO C 194 -35.33 -3.73 -17.44
C PRO C 194 -35.13 -5.16 -17.92
N GLN C 195 -33.97 -5.41 -18.53
CA GLN C 195 -33.54 -6.73 -18.93
C GLN C 195 -32.72 -7.33 -17.80
N VAL C 196 -33.18 -8.49 -17.33
CA VAL C 196 -32.70 -9.12 -16.10
C VAL C 196 -31.86 -10.34 -16.45
N ALA C 197 -30.71 -10.47 -15.79
CA ALA C 197 -29.94 -11.69 -15.85
C ALA C 197 -29.87 -12.33 -14.46
N VAL C 198 -30.16 -13.62 -14.40
CA VAL C 198 -30.16 -14.36 -13.14
C VAL C 198 -28.92 -15.25 -13.06
N PHE C 199 -28.14 -15.11 -11.98
CA PHE C 199 -26.96 -15.92 -11.78
C PHE C 199 -27.35 -17.35 -11.43
N GLY C 200 -26.51 -18.31 -11.83
CA GLY C 200 -26.64 -19.66 -11.31
C GLY C 200 -26.15 -19.77 -9.87
N ILE C 201 -26.68 -20.73 -9.13
CA ILE C 201 -26.19 -21.06 -7.81
C ILE C 201 -24.84 -21.75 -7.96
N ASN C 202 -24.76 -22.69 -8.91
CA ASN C 202 -23.55 -23.45 -9.14
C ASN C 202 -22.79 -22.91 -10.34
N PRO C 203 -21.46 -23.18 -10.45
CA PRO C 203 -20.67 -22.70 -11.58
C PRO C 203 -21.32 -22.99 -12.93
N HIS C 204 -21.37 -21.96 -13.81
CA HIS C 204 -21.94 -22.06 -15.14
C HIS C 204 -23.43 -22.40 -15.07
N ALA C 205 -24.09 -21.96 -13.99
CA ALA C 205 -25.45 -22.36 -13.68
C ALA C 205 -25.66 -23.87 -13.78
N SER C 206 -24.67 -24.68 -13.37
CA SER C 206 -24.73 -26.14 -13.43
C SER C 206 -24.77 -26.68 -14.88
N LEU C 210 -25.46 -30.27 -14.70
CA LEU C 210 -24.20 -31.04 -14.81
C LEU C 210 -23.35 -30.89 -13.54
N PHE C 211 -23.29 -29.69 -12.94
CA PHE C 211 -22.62 -29.50 -11.66
C PHE C 211 -23.63 -29.25 -10.53
N GLY C 212 -24.54 -30.21 -10.29
CA GLY C 212 -25.49 -30.11 -9.17
C GLY C 212 -26.92 -29.80 -9.63
N LEU C 213 -27.86 -30.07 -8.72
CA LEU C 213 -29.28 -30.07 -9.01
C LEU C 213 -29.95 -28.80 -8.49
N GLU C 214 -29.22 -27.97 -7.73
CA GLU C 214 -29.81 -26.81 -7.10
C GLU C 214 -30.47 -25.91 -8.16
N ASP C 215 -29.78 -25.69 -9.29
CA ASP C 215 -30.28 -24.75 -10.29
C ASP C 215 -31.56 -25.27 -10.94
N SER C 216 -31.63 -26.59 -11.15
CA SER C 216 -32.83 -27.20 -11.71
C SER C 216 -34.02 -27.09 -10.77
N GLN C 217 -33.77 -26.96 -9.47
CA GLN C 217 -34.87 -26.93 -8.50
C GLN C 217 -35.32 -25.49 -8.24
N ILE C 218 -34.45 -24.50 -8.46
CA ILE C 218 -34.57 -23.19 -7.85
C ILE C 218 -34.57 -22.08 -8.88
N THR C 219 -33.48 -21.89 -9.62
CA THR C 219 -33.35 -20.74 -10.49
C THR C 219 -34.09 -21.00 -11.80
N VAL C 220 -34.06 -22.23 -12.31
CA VAL C 220 -34.68 -22.54 -13.59
C VAL C 220 -36.19 -22.34 -13.45
N PRO C 221 -36.91 -23.00 -12.49
CA PRO C 221 -38.35 -22.79 -12.35
C PRO C 221 -38.74 -21.32 -12.12
N ALA C 222 -37.92 -20.57 -11.38
CA ALA C 222 -38.21 -19.19 -11.03
C ALA C 222 -38.14 -18.28 -12.27
N VAL C 223 -37.23 -18.59 -13.20
CA VAL C 223 -37.06 -17.80 -14.40
C VAL C 223 -38.24 -18.03 -15.34
N GLU C 224 -38.78 -19.26 -15.33
CA GLU C 224 -39.92 -19.61 -16.16
C GLU C 224 -41.17 -18.90 -15.63
N THR C 225 -41.39 -18.93 -14.31
CA THR C 225 -42.52 -18.23 -13.69
C THR C 225 -42.46 -16.73 -14.02
N LEU C 226 -41.24 -16.18 -14.04
CA LEU C 226 -41.02 -14.75 -14.28
C LEU C 226 -41.24 -14.39 -15.74
N ARG C 227 -40.89 -15.31 -16.66
CA ARG C 227 -41.16 -15.03 -18.06
C ARG C 227 -42.65 -15.09 -18.35
N LYS C 228 -43.38 -16.06 -17.77
CA LYS C 228 -44.81 -16.19 -17.99
C LYS C 228 -45.56 -14.90 -17.64
N ARG C 229 -45.03 -14.11 -16.68
CA ARG C 229 -45.60 -12.84 -16.29
C ARG C 229 -45.12 -11.70 -17.19
N GLY C 230 -44.32 -12.01 -18.21
CA GLY C 230 -44.04 -11.08 -19.30
C GLY C 230 -42.79 -10.24 -19.06
N LEU C 231 -41.84 -10.82 -18.31
CA LEU C 231 -40.57 -10.18 -18.00
C LEU C 231 -39.49 -10.67 -18.99
N THR C 232 -38.56 -9.77 -19.34
CA THR C 232 -37.37 -10.10 -20.11
C THR C 232 -36.29 -10.56 -19.13
N VAL C 233 -36.10 -11.88 -19.02
CA VAL C 233 -35.22 -12.50 -18.02
C VAL C 233 -34.41 -13.60 -18.70
N ASP C 234 -33.08 -13.52 -18.59
CA ASP C 234 -32.17 -14.48 -19.18
C ASP C 234 -31.49 -15.26 -18.05
N GLY C 235 -31.38 -16.58 -18.21
CA GLY C 235 -30.65 -17.40 -17.26
C GLY C 235 -31.46 -18.56 -16.70
N PRO C 236 -30.97 -19.33 -15.71
CA PRO C 236 -29.73 -18.98 -15.00
C PRO C 236 -28.49 -19.16 -15.86
N MET C 237 -27.53 -18.24 -15.71
CA MET C 237 -26.29 -18.25 -16.45
C MET C 237 -25.12 -18.10 -15.49
N GLY C 238 -23.95 -18.58 -15.91
CA GLY C 238 -22.73 -18.39 -15.14
C GLY C 238 -22.50 -16.93 -14.80
N ALA C 239 -22.36 -16.59 -13.51
CA ALA C 239 -22.28 -15.20 -13.08
C ALA C 239 -21.14 -14.48 -13.82
N ASP C 240 -20.03 -15.19 -14.00
CA ASP C 240 -18.87 -14.69 -14.70
C ASP C 240 -19.22 -14.32 -16.14
N MET C 241 -19.88 -15.25 -16.85
CA MET C 241 -20.12 -15.10 -18.27
C MET C 241 -21.09 -13.96 -18.52
N VAL C 242 -22.22 -13.95 -17.81
CA VAL C 242 -23.31 -13.03 -18.12
C VAL C 242 -22.91 -11.60 -17.71
N LEU C 243 -22.23 -11.49 -16.57
CA LEU C 243 -21.76 -10.20 -16.05
C LEU C 243 -20.84 -9.56 -17.08
N ALA C 244 -20.05 -10.39 -17.76
CA ALA C 244 -19.00 -9.92 -18.65
C ALA C 244 -19.59 -9.28 -19.91
N GLN C 245 -20.79 -9.68 -20.32
CA GLN C 245 -21.40 -9.18 -21.54
C GLN C 245 -21.89 -7.75 -21.34
N ARG C 246 -22.35 -7.44 -20.11
CA ARG C 246 -22.75 -6.09 -19.76
C ARG C 246 -23.86 -5.61 -20.68
N LYS C 247 -24.94 -6.41 -20.76
CA LYS C 247 -26.08 -6.09 -21.61
C LYS C 247 -27.39 -6.33 -20.86
N HIS C 248 -27.32 -6.17 -19.54
CA HIS C 248 -28.50 -6.25 -18.70
C HIS C 248 -28.55 -5.04 -17.78
N ASP C 249 -29.76 -4.66 -17.38
CA ASP C 249 -29.98 -3.51 -16.51
C ASP C 249 -30.08 -3.96 -15.05
N LEU C 250 -30.12 -5.28 -14.80
CA LEU C 250 -30.30 -5.82 -13.46
C LEU C 250 -29.78 -7.24 -13.40
N TYR C 251 -28.84 -7.51 -12.49
CA TYR C 251 -28.35 -8.87 -12.28
C TYR C 251 -28.92 -9.37 -10.97
N VAL C 252 -29.19 -10.68 -10.88
CA VAL C 252 -29.79 -11.26 -9.68
C VAL C 252 -28.80 -12.24 -9.06
N ALA C 253 -28.27 -11.90 -7.89
CA ALA C 253 -27.24 -12.73 -7.27
C ALA C 253 -27.88 -13.65 -6.25
N MET C 254 -27.38 -14.87 -6.18
CA MET C 254 -27.87 -15.89 -5.25
C MET C 254 -27.17 -15.76 -3.90
N LEU C 255 -25.89 -15.39 -3.94
CA LEU C 255 -25.06 -15.27 -2.76
C LEU C 255 -24.45 -13.87 -2.65
N HIS C 256 -24.21 -13.47 -1.40
CA HIS C 256 -23.66 -12.17 -1.10
C HIS C 256 -22.49 -11.85 -2.03
N ASP C 257 -21.49 -12.73 -2.06
CA ASP C 257 -20.22 -12.45 -2.69
C ASP C 257 -20.36 -12.29 -4.21
N GLN C 258 -21.31 -13.01 -4.80
CA GLN C 258 -21.51 -13.01 -6.24
C GLN C 258 -21.79 -11.60 -6.74
N GLY C 259 -22.43 -10.78 -5.90
CA GLY C 259 -22.83 -9.43 -6.24
C GLY C 259 -21.86 -8.38 -5.68
N HIS C 260 -21.31 -8.68 -4.50
CA HIS C 260 -20.49 -7.72 -3.76
C HIS C 260 -19.11 -7.60 -4.38
N ILE C 261 -18.59 -8.69 -4.98
CA ILE C 261 -17.26 -8.65 -5.56
C ILE C 261 -17.24 -7.71 -6.75
N PRO C 262 -18.10 -7.89 -7.78
CA PRO C 262 -18.09 -7.00 -8.95
C PRO C 262 -18.24 -5.52 -8.61
N ILE C 263 -19.16 -5.21 -7.68
CA ILE C 263 -19.50 -3.83 -7.37
C ILE C 263 -18.30 -3.14 -6.71
N LYS C 264 -17.69 -3.79 -5.71
CA LYS C 264 -16.63 -3.16 -4.92
C LYS C 264 -15.33 -3.13 -5.72
N LEU C 265 -15.21 -4.00 -6.74
CA LEU C 265 -14.03 -4.02 -7.59
C LEU C 265 -14.09 -2.87 -8.59
N LEU C 266 -15.27 -2.66 -9.18
CA LEU C 266 -15.47 -1.69 -10.24
C LEU C 266 -15.77 -0.30 -9.67
N ALA C 267 -16.20 -0.21 -8.41
CA ALA C 267 -16.69 1.06 -7.89
C ALA C 267 -16.42 1.17 -6.39
N PRO C 268 -15.13 1.27 -5.98
CA PRO C 268 -14.73 1.09 -4.57
C PRO C 268 -15.23 2.17 -3.63
N ASN C 269 -15.55 3.36 -4.18
CA ASN C 269 -16.09 4.44 -3.37
C ASN C 269 -17.41 5.00 -3.88
N GLY C 270 -17.84 4.68 -5.11
CA GLY C 270 -19.07 5.24 -5.68
C GLY C 270 -20.25 4.25 -5.66
N ALA C 271 -20.35 3.44 -4.59
CA ALA C 271 -21.37 2.41 -4.50
C ALA C 271 -22.52 2.89 -3.61
N SER C 272 -23.77 2.60 -3.98
CA SER C 272 -24.88 2.82 -3.10
C SER C 272 -25.45 1.47 -2.68
N ALA C 273 -25.94 1.38 -1.43
CA ALA C 273 -26.64 0.19 -0.96
C ALA C 273 -28.11 0.49 -0.75
N LEU C 274 -28.98 -0.16 -1.55
CA LEU C 274 -30.41 0.12 -1.50
C LEU C 274 -31.14 -1.01 -0.80
N SER C 275 -31.80 -0.68 0.31
CA SER C 275 -32.70 -1.60 1.00
C SER C 275 -34.10 -1.39 0.44
N ILE C 276 -34.73 -2.48 -0.01
CA ILE C 276 -35.98 -2.42 -0.74
C ILE C 276 -37.03 -3.28 -0.05
N GLY C 277 -38.21 -2.68 0.18
CA GLY C 277 -39.32 -3.36 0.79
C GLY C 277 -40.62 -2.59 0.56
N GLY C 278 -41.67 -3.30 0.16
CA GLY C 278 -42.89 -2.64 -0.28
C GLY C 278 -42.56 -1.60 -1.35
N ARG C 279 -43.03 -0.36 -1.12
CA ARG C 279 -42.78 0.75 -2.04
C ARG C 279 -41.56 1.54 -1.57
N VAL C 280 -40.90 1.10 -0.50
CA VAL C 280 -39.87 1.91 0.13
C VAL C 280 -38.50 1.51 -0.41
N VAL C 281 -37.78 2.51 -0.93
CA VAL C 281 -36.39 2.34 -1.27
C VAL C 281 -35.57 3.26 -0.37
N LEU C 282 -34.71 2.65 0.46
CA LEU C 282 -33.87 3.38 1.40
C LEU C 282 -32.41 3.16 1.03
N SER C 283 -31.66 4.26 0.81
CA SER C 283 -30.25 4.16 0.53
C SER C 283 -29.43 4.91 1.57
N SER C 284 -28.33 4.28 1.99
CA SER C 284 -27.32 4.94 2.78
C SER C 284 -26.44 5.79 1.86
N VAL C 285 -25.60 6.60 2.50
CA VAL C 285 -24.58 7.36 1.80
C VAL C 285 -23.32 6.49 1.67
N GLY C 286 -23.13 5.55 2.61
CA GLY C 286 -22.09 4.54 2.49
C GLY C 286 -20.72 5.00 3.00
N HIS C 287 -20.72 5.96 3.91
CA HIS C 287 -19.56 6.26 4.75
C HIS C 287 -20.03 6.44 6.18
N GLY C 288 -19.07 6.53 7.12
CA GLY C 288 -19.38 6.64 8.54
C GLY C 288 -19.77 8.07 8.94
N SER C 289 -20.01 8.23 10.23
CA SER C 289 -20.47 9.49 10.81
C SER C 289 -19.29 10.38 11.17
N ALA C 290 -18.07 9.87 11.11
CA ALA C 290 -16.87 10.69 11.17
C ALA C 290 -16.85 11.59 12.41
N MET C 291 -16.98 10.99 13.59
CA MET C 291 -17.10 11.73 14.84
C MET C 291 -15.90 12.65 15.09
N ASP C 292 -14.72 12.28 14.56
CA ASP C 292 -13.50 13.05 14.75
C ASP C 292 -13.60 14.46 14.15
N ILE C 293 -14.37 14.65 13.07
CA ILE C 293 -14.44 15.93 12.39
C ILE C 293 -15.81 16.58 12.60
N ALA C 294 -16.66 15.97 13.43
CA ALA C 294 -18.01 16.47 13.57
C ALA C 294 -17.96 17.83 14.26
N GLY C 295 -18.57 18.83 13.61
CA GLY C 295 -18.63 20.18 14.12
C GLY C 295 -17.45 21.04 13.67
N ARG C 296 -16.56 20.48 12.85
CA ARG C 296 -15.33 21.19 12.50
C ARG C 296 -15.43 21.77 11.08
N GLY C 297 -16.50 21.47 10.34
CA GLY C 297 -16.82 22.12 9.09
C GLY C 297 -15.97 21.65 7.91
N VAL C 298 -15.59 20.37 7.89
CA VAL C 298 -14.66 19.85 6.89
C VAL C 298 -15.28 18.67 6.14
N ALA C 299 -16.59 18.43 6.27
CA ALA C 299 -17.19 17.20 5.76
C ALA C 299 -17.75 17.45 4.37
N ASP C 300 -17.41 16.56 3.42
CA ASP C 300 -17.77 16.70 2.01
C ASP C 300 -19.09 16.00 1.78
N ALA C 301 -20.02 16.65 1.09
CA ALA C 301 -21.36 16.10 0.89
C ALA C 301 -21.50 15.42 -0.47
N THR C 302 -20.36 15.12 -1.13
CA THR C 302 -20.38 14.59 -2.48
C THR C 302 -21.06 13.22 -2.51
N ALA C 303 -20.81 12.36 -1.53
CA ALA C 303 -21.40 11.04 -1.50
C ALA C 303 -22.92 11.11 -1.33
N LEU C 304 -23.39 12.06 -0.51
CA LEU C 304 -24.81 12.30 -0.32
C LEU C 304 -25.43 12.81 -1.62
N LEU C 305 -24.75 13.78 -2.27
CA LEU C 305 -25.24 14.33 -3.52
C LEU C 305 -25.32 13.24 -4.60
N ARG C 306 -24.37 12.30 -4.57
CA ARG C 306 -24.36 11.19 -5.51
C ARG C 306 -25.51 10.23 -5.24
N THR C 307 -25.89 10.08 -3.97
CA THR C 307 -27.00 9.21 -3.59
C THR C 307 -28.32 9.87 -4.00
N ILE C 308 -28.43 11.17 -3.75
CA ILE C 308 -29.61 11.93 -4.13
C ILE C 308 -29.82 11.81 -5.64
N ALA C 309 -28.75 11.96 -6.42
CA ALA C 309 -28.83 11.93 -7.88
C ALA C 309 -29.31 10.58 -8.38
N LEU C 310 -28.94 9.51 -7.66
CA LEU C 310 -29.26 8.15 -8.08
C LEU C 310 -30.74 7.84 -7.82
N LEU C 311 -31.21 8.23 -6.63
CA LEU C 311 -32.58 8.04 -6.20
C LEU C 311 -33.51 9.10 -6.80
N GLY C 312 -32.97 10.22 -7.32
CA GLY C 312 -33.81 11.26 -7.89
C GLY C 312 -33.75 11.24 -9.41
N ALA C 313 -34.49 12.12 -10.09
CA ALA C 313 -34.13 12.60 -11.43
C ALA C 313 -34.87 11.89 -12.60
N GLN C 314 -35.84 11.03 -12.31
CA GLN C 314 -36.21 9.97 -13.23
C GLN C 314 -37.46 10.27 -14.03
N PRO C 315 -37.85 9.39 -15.01
CA PRO C 315 -39.25 9.24 -15.39
C PRO C 315 -40.13 9.17 -14.13
N MET D 2 -6.46 35.10 -2.46
CA MET D 2 -6.02 34.40 -3.69
C MET D 2 -4.78 33.58 -3.36
N THR D 3 -3.65 34.24 -3.03
CA THR D 3 -2.39 33.56 -2.73
C THR D 3 -2.18 33.55 -1.23
N ILE D 4 -2.04 32.36 -0.62
CA ILE D 4 -2.07 32.26 0.83
C ILE D 4 -0.74 31.77 1.38
N VAL D 5 0.20 31.33 0.52
CA VAL D 5 1.47 30.79 0.98
C VAL D 5 2.62 31.71 0.60
N HIS D 6 3.19 32.45 1.56
CA HIS D 6 4.21 33.42 1.24
C HIS D 6 5.58 33.07 1.84
N ARG D 7 5.81 31.81 2.19
CA ARG D 7 7.08 31.36 2.75
C ARG D 7 7.20 29.84 2.73
N ARG D 8 8.41 29.33 2.95
CA ARG D 8 8.68 27.90 2.95
C ARG D 8 8.07 27.25 4.19
N LEU D 9 7.38 26.11 3.99
CA LEU D 9 6.71 25.41 5.05
C LEU D 9 6.98 23.91 4.91
N ALA D 10 6.92 23.20 6.05
CA ALA D 10 6.92 21.75 6.08
C ALA D 10 5.52 21.27 6.42
N LEU D 11 5.08 20.23 5.70
CA LEU D 11 3.79 19.62 5.93
C LEU D 11 3.98 18.13 6.18
N ALA D 12 3.84 17.71 7.45
CA ALA D 12 3.87 16.31 7.82
C ALA D 12 2.47 15.74 7.71
N ILE D 13 2.35 14.56 7.11
CA ILE D 13 1.05 14.10 6.64
C ILE D 13 0.30 13.37 7.75
N GLY D 14 0.93 13.22 8.90
CA GLY D 14 0.26 12.64 10.05
C GLY D 14 0.14 11.12 9.95
N ASP D 15 -0.95 10.60 10.52
CA ASP D 15 -1.21 9.17 10.46
C ASP D 15 -1.47 8.78 9.01
N PRO D 16 -0.62 7.93 8.41
CA PRO D 16 -0.77 7.56 7.01
C PRO D 16 -1.98 6.67 6.70
N HIS D 17 -2.65 6.23 7.76
CA HIS D 17 -3.85 5.41 7.65
C HIS D 17 -5.10 6.28 7.80
N GLY D 18 -4.94 7.52 8.27
CA GLY D 18 -6.06 8.42 8.46
C GLY D 18 -6.23 9.35 7.25
N ILE D 19 -6.90 10.49 7.48
CA ILE D 19 -7.28 11.39 6.41
C ILE D 19 -6.14 12.37 6.09
N GLY D 20 -5.04 12.32 6.85
CA GLY D 20 -3.93 13.26 6.71
C GLY D 20 -3.43 13.32 5.27
N PRO D 21 -2.96 12.19 4.70
CA PRO D 21 -2.48 12.14 3.32
C PRO D 21 -3.45 12.76 2.31
N GLU D 22 -4.72 12.36 2.40
CA GLU D 22 -5.74 12.82 1.47
C GLU D 22 -5.93 14.33 1.60
N ILE D 23 -6.04 14.87 2.81
CA ILE D 23 -6.25 16.30 2.98
C ILE D 23 -4.98 17.07 2.61
N ALA D 24 -3.81 16.46 2.74
CA ALA D 24 -2.60 17.09 2.23
C ALA D 24 -2.73 17.29 0.73
N LEU D 25 -3.07 16.23 -0.01
CA LEU D 25 -3.19 16.33 -1.45
C LEU D 25 -4.25 17.35 -1.85
N LYS D 26 -5.39 17.34 -1.16
CA LYS D 26 -6.50 18.20 -1.52
C LYS D 26 -6.11 19.66 -1.36
N ALA D 27 -5.35 19.97 -0.30
CA ALA D 27 -4.89 21.33 -0.02
C ALA D 27 -3.90 21.80 -1.08
N LEU D 28 -2.90 20.95 -1.41
CA LEU D 28 -1.87 21.33 -2.36
C LEU D 28 -2.49 21.58 -3.75
N GLN D 29 -3.43 20.69 -4.14
CA GLN D 29 -4.15 20.80 -5.38
C GLN D 29 -4.74 22.20 -5.54
N GLN D 30 -5.24 22.80 -4.47
CA GLN D 30 -5.91 24.08 -4.53
C GLN D 30 -4.92 25.25 -4.64
N LEU D 31 -3.64 24.99 -4.39
CA LEU D 31 -2.65 26.06 -4.45
C LEU D 31 -2.16 26.28 -5.88
N SER D 32 -1.51 27.43 -6.11
CA SER D 32 -0.85 27.68 -7.38
C SER D 32 0.40 26.81 -7.46
N ALA D 33 1.07 26.80 -8.63
CA ALA D 33 2.26 26.00 -8.84
C ALA D 33 3.43 26.57 -8.02
N THR D 34 3.56 27.89 -8.07
CA THR D 34 4.54 28.65 -7.31
C THR D 34 4.36 28.42 -5.80
N GLU D 35 3.10 28.31 -5.33
CA GLU D 35 2.81 28.10 -3.92
C GLU D 35 3.20 26.70 -3.47
N ARG D 36 2.97 25.69 -4.34
CA ARG D 36 3.24 24.30 -4.01
C ARG D 36 4.73 24.11 -3.87
N SER D 37 5.52 24.91 -4.61
CA SER D 37 6.96 24.75 -4.63
C SER D 37 7.56 25.25 -3.32
N LEU D 38 6.76 25.97 -2.52
CA LEU D 38 7.17 26.41 -1.20
C LEU D 38 6.78 25.43 -0.10
N ILE D 39 6.07 24.35 -0.44
CA ILE D 39 5.63 23.41 0.59
C ILE D 39 6.30 22.06 0.40
N LYS D 40 7.18 21.71 1.34
CA LYS D 40 7.84 20.42 1.35
C LYS D 40 7.06 19.47 2.27
N VAL D 41 6.82 18.26 1.74
CA VAL D 41 5.93 17.28 2.36
C VAL D 41 6.75 16.17 2.99
N TYR D 42 6.42 15.83 4.23
CA TYR D 42 7.14 14.80 4.96
C TYR D 42 6.18 13.66 5.29
N GLY D 43 6.58 12.46 4.91
CA GLY D 43 5.73 11.30 5.09
C GLY D 43 6.15 10.17 4.15
N PRO D 44 5.58 8.97 4.35
CA PRO D 44 5.77 7.87 3.41
C PRO D 44 5.18 8.16 2.04
N TRP D 45 6.00 8.00 1.00
CA TRP D 45 5.54 8.17 -0.37
C TRP D 45 4.43 7.18 -0.67
N SER D 46 4.48 6.00 -0.04
CA SER D 46 3.53 4.94 -0.31
C SER D 46 2.11 5.39 0.06
N ALA D 47 1.97 6.31 1.02
CA ALA D 47 0.66 6.74 1.50
C ALA D 47 0.10 7.87 0.65
N LEU D 48 1.00 8.71 0.13
CA LEU D 48 0.61 9.77 -0.77
C LEU D 48 0.18 9.15 -2.10
N GLU D 49 0.86 8.06 -2.47
CA GLU D 49 0.54 7.31 -3.67
C GLU D 49 -0.88 6.73 -3.55
N GLN D 50 -1.15 6.04 -2.45
CA GLN D 50 -2.45 5.45 -2.12
C GLN D 50 -3.56 6.49 -2.14
N ALA D 51 -3.37 7.62 -1.45
CA ALA D 51 -4.38 8.66 -1.40
C ALA D 51 -4.60 9.26 -2.79
N ALA D 52 -3.54 9.38 -3.59
CA ALA D 52 -3.62 10.01 -4.91
C ALA D 52 -4.41 9.14 -5.88
N GLN D 53 -4.19 7.81 -5.82
CA GLN D 53 -4.91 6.89 -6.68
C GLN D 53 -6.40 6.95 -6.33
N ILE D 54 -6.71 6.96 -5.03
CA ILE D 54 -8.08 7.05 -4.53
C ILE D 54 -8.77 8.33 -4.98
N CYS D 55 -8.15 9.48 -4.72
CA CYS D 55 -8.74 10.78 -5.05
C CYS D 55 -8.60 11.11 -6.54
N GLN D 56 -7.81 10.32 -7.27
CA GLN D 56 -7.55 10.55 -8.69
C GLN D 56 -6.80 11.87 -8.86
N MET D 57 -5.62 11.94 -8.25
CA MET D 57 -4.76 13.12 -8.29
C MET D 57 -3.31 12.71 -8.52
N GLU D 58 -3.09 11.62 -9.26
CA GLU D 58 -1.75 11.18 -9.59
C GLU D 58 -1.02 12.24 -10.40
N SER D 59 -1.80 13.04 -11.15
CA SER D 59 -1.26 14.19 -11.88
C SER D 59 -0.46 15.10 -10.95
N LEU D 60 -0.75 15.10 -9.64
CA LEU D 60 -0.23 16.11 -8.74
C LEU D 60 1.11 15.72 -8.13
N LEU D 61 1.42 14.42 -8.09
CA LEU D 61 2.59 13.89 -7.39
C LEU D 61 3.89 14.36 -8.05
N GLN D 62 3.87 14.49 -9.39
CA GLN D 62 5.07 14.85 -10.14
C GLN D 62 5.48 16.29 -9.85
N ASP D 63 4.56 17.12 -9.34
CA ASP D 63 4.80 18.52 -9.03
C ASP D 63 5.01 18.72 -7.52
N LEU D 64 5.49 17.68 -6.80
CA LEU D 64 5.40 17.73 -5.35
C LEU D 64 6.79 17.64 -4.76
N ILE D 65 7.15 18.59 -3.88
CA ILE D 65 8.42 18.49 -3.20
C ILE D 65 8.21 17.56 -2.02
N HIS D 66 9.05 16.53 -1.92
CA HIS D 66 8.84 15.49 -0.93
C HIS D 66 10.14 14.97 -0.32
N GLU D 67 10.06 14.57 0.95
CA GLU D 67 11.15 13.84 1.60
C GLU D 67 10.54 12.63 2.29
N GLU D 68 11.03 11.43 1.92
CA GLU D 68 10.59 10.22 2.57
C GLU D 68 10.86 10.36 4.07
N ALA D 69 9.87 9.95 4.88
CA ALA D 69 9.96 9.89 6.33
C ALA D 69 8.81 9.03 6.82
N GLY D 70 9.05 8.21 7.83
CA GLY D 70 7.98 7.36 8.34
C GLY D 70 7.56 6.35 7.29
N SER D 71 8.56 5.77 6.61
CA SER D 71 8.33 4.66 5.70
C SER D 71 7.71 3.51 6.49
N LEU D 72 6.87 2.73 5.81
CA LEU D 72 6.21 1.56 6.38
C LEU D 72 6.87 0.29 5.84
N ALA D 73 6.58 -0.85 6.48
CA ALA D 73 7.16 -2.14 6.10
C ALA D 73 6.17 -3.01 5.32
N GLN D 74 4.95 -2.49 5.13
CA GLN D 74 3.88 -3.20 4.46
C GLN D 74 2.98 -2.15 3.82
N PRO D 75 2.08 -2.54 2.88
CA PRO D 75 1.12 -1.62 2.30
C PRO D 75 0.27 -0.90 3.33
N VAL D 76 -0.18 0.28 2.93
CA VAL D 76 -1.08 1.11 3.72
C VAL D 76 -2.42 0.39 3.86
N GLN D 77 -3.02 0.49 5.05
CA GLN D 77 -4.34 -0.03 5.35
C GLN D 77 -5.22 1.12 5.85
N CYS D 78 -6.01 1.76 4.97
CA CYS D 78 -6.83 2.90 5.38
C CYS D 78 -7.82 2.52 6.50
N GLY D 79 -7.96 3.38 7.50
CA GLY D 79 -8.93 3.23 8.56
C GLY D 79 -8.43 2.44 9.78
N GLU D 80 -7.27 1.79 9.66
CA GLU D 80 -6.77 0.86 10.65
C GLU D 80 -5.80 1.56 11.62
N ILE D 81 -5.97 1.30 12.93
CA ILE D 81 -5.03 1.73 13.96
C ILE D 81 -3.95 0.69 14.12
N THR D 82 -2.71 0.99 13.71
CA THR D 82 -1.61 0.06 13.83
C THR D 82 -0.41 0.79 14.43
N PRO D 83 0.39 0.10 15.28
CA PRO D 83 1.62 0.69 15.82
C PRO D 83 2.55 1.29 14.77
N GLN D 84 2.62 0.65 13.60
CA GLN D 84 3.53 1.13 12.57
C GLN D 84 3.07 2.49 12.04
N ALA D 85 1.77 2.75 12.03
CA ALA D 85 1.25 4.01 11.52
C ALA D 85 1.50 5.12 12.54
N GLY D 86 1.55 4.74 13.82
CA GLY D 86 1.85 5.67 14.90
C GLY D 86 3.31 6.09 14.90
N LEU D 87 4.20 5.15 14.59
CA LEU D 87 5.62 5.46 14.43
C LEU D 87 5.82 6.38 13.23
N SER D 88 5.21 6.02 12.09
CA SER D 88 5.27 6.84 10.90
C SER D 88 4.93 8.28 11.28
N THR D 89 3.87 8.43 12.09
CA THR D 89 3.32 9.74 12.42
C THR D 89 4.41 10.60 13.06
N VAL D 90 5.08 10.02 14.05
CA VAL D 90 6.09 10.72 14.84
C VAL D 90 7.32 10.95 13.98
N GLN D 91 7.69 9.97 13.17
CA GLN D 91 8.92 10.06 12.38
C GLN D 91 8.80 11.21 11.38
N SER D 92 7.60 11.35 10.83
CA SER D 92 7.34 12.33 9.80
C SER D 92 7.32 13.73 10.40
N ALA D 93 6.69 13.86 11.57
CA ALA D 93 6.61 15.14 12.22
C ALA D 93 7.99 15.54 12.72
N THR D 94 8.78 14.53 13.11
CA THR D 94 10.12 14.73 13.61
C THR D 94 11.01 15.21 12.47
N ALA D 95 10.80 14.66 11.27
CA ALA D 95 11.54 15.06 10.09
C ALA D 95 11.21 16.49 9.69
N ALA D 96 9.94 16.89 9.80
CA ALA D 96 9.51 18.22 9.46
C ALA D 96 10.05 19.27 10.42
N ILE D 97 10.03 18.94 11.71
CA ILE D 97 10.54 19.84 12.74
C ILE D 97 12.03 20.08 12.50
N ARG D 98 12.77 19.04 12.12
CA ARG D 98 14.22 19.14 11.99
C ARG D 98 14.58 20.01 10.79
N ALA D 99 13.71 20.00 9.78
CA ALA D 99 13.90 20.84 8.62
C ALA D 99 13.71 22.29 9.02
N CYS D 100 12.88 22.53 10.04
CA CYS D 100 12.64 23.87 10.55
C CYS D 100 13.81 24.32 11.45
N GLU D 101 14.30 23.41 12.29
CA GLU D 101 15.44 23.68 13.18
C GLU D 101 16.69 24.03 12.37
N SER D 102 16.90 23.34 11.24
CA SER D 102 18.07 23.58 10.41
C SER D 102 17.85 24.82 9.54
N GLY D 103 16.59 25.18 9.28
CA GLY D 103 16.27 26.39 8.54
C GLY D 103 15.91 26.14 7.08
N GLU D 104 15.69 24.87 6.71
CA GLU D 104 15.20 24.56 5.39
C GLU D 104 13.80 25.16 5.19
N VAL D 105 12.96 25.18 6.23
CA VAL D 105 11.64 25.78 6.18
C VAL D 105 11.47 26.69 7.39
N ASP D 106 10.41 27.52 7.40
CA ASP D 106 10.23 28.52 8.45
C ASP D 106 9.14 28.15 9.43
N ALA D 107 8.24 27.23 9.05
CA ALA D 107 7.28 26.74 10.02
C ALA D 107 6.76 25.38 9.60
N VAL D 108 6.04 24.72 10.52
CA VAL D 108 5.63 23.34 10.35
C VAL D 108 4.13 23.24 10.61
N ILE D 109 3.47 22.42 9.79
CA ILE D 109 2.11 22.03 10.03
C ILE D 109 2.08 20.51 10.16
N ALA D 110 1.31 20.01 11.14
CA ALA D 110 1.14 18.57 11.30
C ALA D 110 -0.32 18.18 11.05
N CYS D 111 -0.53 17.33 10.05
CA CYS D 111 -1.84 16.74 9.79
C CYS D 111 -2.16 15.83 10.97
N PRO D 112 -3.42 15.35 11.08
CA PRO D 112 -3.86 14.62 12.27
C PRO D 112 -3.13 13.32 12.62
N HIS D 113 -2.88 13.15 13.92
CA HIS D 113 -2.27 11.96 14.49
C HIS D 113 -3.37 11.14 15.12
N HIS D 114 -3.11 9.86 15.39
CA HIS D 114 -4.02 9.06 16.21
C HIS D 114 -3.28 8.67 17.47
N GLU D 115 -3.80 9.12 18.62
CA GLU D 115 -3.11 9.00 19.91
C GLU D 115 -2.89 7.54 20.25
N THR D 116 -3.86 6.69 19.94
CA THR D 116 -3.79 5.28 20.30
C THR D 116 -2.68 4.62 19.50
N ALA D 117 -2.59 4.97 18.21
CA ALA D 117 -1.62 4.39 17.30
C ALA D 117 -0.22 4.63 17.85
N ILE D 118 0.00 5.89 18.23
CA ILE D 118 1.30 6.30 18.71
C ILE D 118 1.59 5.52 19.98
N HIS D 119 0.59 5.42 20.87
CA HIS D 119 0.77 4.79 22.16
C HIS D 119 1.12 3.31 21.97
N ARG D 120 0.40 2.63 21.07
CA ARG D 120 0.61 1.20 20.90
C ARG D 120 1.96 0.90 20.27
N ALA D 121 2.68 1.91 19.79
CA ALA D 121 4.04 1.74 19.29
C ALA D 121 5.05 1.88 20.41
N GLY D 122 4.58 2.21 21.62
CA GLY D 122 5.45 2.33 22.78
C GLY D 122 6.08 3.71 22.90
N ILE D 123 5.44 4.74 22.34
CA ILE D 123 5.97 6.09 22.27
C ILE D 123 5.13 7.02 23.15
N ALA D 124 5.79 7.77 24.04
CA ALA D 124 5.14 8.76 24.88
C ALA D 124 4.72 9.98 24.04
N PHE D 125 3.48 10.44 24.25
CA PHE D 125 2.96 11.57 23.50
C PHE D 125 1.83 12.23 24.28
N SER D 126 2.08 13.48 24.68
CA SER D 126 1.17 14.31 25.45
C SER D 126 0.85 15.59 24.68
N GLY D 127 0.97 15.58 23.33
CA GLY D 127 0.67 16.75 22.52
C GLY D 127 1.90 17.40 21.87
N TYR D 128 1.66 18.37 20.97
CA TYR D 128 2.70 18.89 20.10
C TYR D 128 3.74 19.67 20.89
N PRO D 129 3.36 20.48 21.91
CA PRO D 129 4.35 21.17 22.75
C PRO D 129 5.45 20.27 23.28
N SER D 130 5.07 19.09 23.78
CA SER D 130 6.04 18.15 24.33
C SER D 130 6.92 17.57 23.22
N LEU D 131 6.31 17.16 22.10
CA LEU D 131 7.07 16.49 21.04
C LEU D 131 8.19 17.44 20.59
N LEU D 132 7.83 18.71 20.44
CA LEU D 132 8.74 19.71 19.90
C LEU D 132 9.89 19.93 20.89
N ALA D 133 9.55 20.02 22.17
CA ALA D 133 10.54 20.07 23.25
C ALA D 133 11.54 18.91 23.14
N ASN D 134 10.98 17.71 22.98
CA ASN D 134 11.75 16.49 22.83
C ASN D 134 12.75 16.58 21.67
N VAL D 135 12.23 16.78 20.45
CA VAL D 135 13.05 16.75 19.24
C VAL D 135 14.12 17.85 19.23
N LEU D 136 13.85 18.99 19.89
CA LEU D 136 14.75 20.14 19.83
C LEU D 136 15.78 20.12 20.96
N GLY D 137 15.56 19.27 21.97
CA GLY D 137 16.48 19.14 23.10
C GLY D 137 16.25 20.22 24.16
N MET D 138 14.97 20.54 24.42
CA MET D 138 14.58 21.62 25.32
C MET D 138 13.70 21.08 26.44
N ASN D 139 13.71 21.77 27.60
CA ASN D 139 12.74 21.50 28.65
C ASN D 139 11.38 21.91 28.12
N GLU D 140 10.35 21.24 28.62
CA GLU D 140 9.00 21.46 28.13
C GLU D 140 8.54 22.90 28.42
N ASP D 141 9.12 23.54 29.46
CA ASP D 141 8.71 24.89 29.87
C ASP D 141 9.52 25.99 29.17
N GLU D 142 10.36 25.61 28.18
CA GLU D 142 10.95 26.58 27.23
C GLU D 142 10.28 26.51 25.86
N VAL D 143 9.18 25.77 25.76
CA VAL D 143 8.30 25.81 24.61
C VAL D 143 6.98 26.38 25.12
N PHE D 144 6.42 27.31 24.33
CA PHE D 144 5.23 28.01 24.75
C PHE D 144 4.11 27.68 23.77
N LEU D 145 2.87 27.71 24.25
CA LEU D 145 1.68 27.54 23.41
C LEU D 145 1.00 28.89 23.20
N MET D 146 0.84 29.30 21.94
CA MET D 146 0.03 30.46 21.61
C MET D 146 -1.27 29.99 20.95
N LEU D 147 -2.42 30.38 21.52
CA LEU D 147 -3.71 30.13 20.87
C LEU D 147 -4.06 31.35 20.02
N VAL D 148 -4.62 31.10 18.83
CA VAL D 148 -5.02 32.12 17.89
C VAL D 148 -6.45 31.84 17.46
N GLY D 149 -7.34 32.82 17.60
CA GLY D 149 -8.76 32.61 17.36
C GLY D 149 -9.55 33.89 17.54
N ALA D 150 -10.49 34.16 16.62
CA ALA D 150 -11.37 35.31 16.71
C ALA D 150 -10.60 36.61 17.03
N GLY D 151 -9.47 36.85 16.35
CA GLY D 151 -8.72 38.08 16.51
C GLY D 151 -7.72 38.06 17.68
N LEU D 152 -7.90 37.14 18.64
CA LEU D 152 -7.05 37.05 19.81
C LEU D 152 -5.82 36.20 19.49
N ARG D 153 -4.65 36.70 19.87
CA ARG D 153 -3.46 35.87 20.02
C ARG D 153 -3.06 35.94 21.47
N ILE D 154 -2.99 34.77 22.11
CA ILE D 154 -2.67 34.70 23.53
C ILE D 154 -1.59 33.64 23.72
N VAL D 155 -0.40 34.08 24.16
CA VAL D 155 0.68 33.18 24.50
C VAL D 155 0.59 32.94 25.99
N HIS D 156 0.99 31.74 26.43
CA HIS D 156 0.90 31.32 27.81
C HIS D 156 2.31 31.17 28.39
N VAL D 157 2.59 31.79 29.54
CA VAL D 157 3.90 31.71 30.15
C VAL D 157 4.08 30.34 30.81
N THR D 158 3.00 29.85 31.43
CA THR D 158 2.95 28.49 31.94
C THR D 158 1.76 27.80 31.26
N LEU D 159 1.73 26.46 31.33
CA LEU D 159 0.70 25.73 30.64
C LEU D 159 0.18 24.60 31.53
N HIS D 160 0.53 23.36 31.20
CA HIS D 160 -0.17 22.21 31.78
C HIS D 160 0.50 21.80 33.09
N GLU D 161 0.20 22.54 34.16
CA GLU D 161 0.63 22.20 35.49
C GLU D 161 -0.33 22.85 36.48
N SER D 162 -0.19 22.55 37.76
CA SER D 162 -1.07 23.08 38.78
C SER D 162 -0.77 24.57 38.96
N VAL D 163 -1.76 25.30 39.48
CA VAL D 163 -1.69 26.75 39.62
C VAL D 163 -0.52 27.06 40.55
N ARG D 164 -0.41 26.30 41.65
CA ARG D 164 0.66 26.55 42.60
C ARG D 164 2.00 26.37 41.90
N SER D 165 2.19 25.24 41.22
CA SER D 165 3.42 24.96 40.52
C SER D 165 3.76 26.04 39.49
N ALA D 166 2.74 26.58 38.82
CA ALA D 166 2.93 27.65 37.85
C ALA D 166 3.44 28.91 38.57
N LEU D 167 2.84 29.24 39.71
CA LEU D 167 3.21 30.42 40.47
C LEU D 167 4.65 30.31 40.97
N GLU D 168 5.07 29.09 41.33
CA GLU D 168 6.39 28.87 41.90
C GLU D 168 7.49 28.97 40.85
N ARG D 169 7.16 28.82 39.56
CA ARG D 169 8.12 28.83 38.47
C ARG D 169 8.16 30.20 37.77
N LEU D 170 7.12 31.02 38.00
CA LEU D 170 7.01 32.31 37.34
C LEU D 170 8.19 33.17 37.76
N SER D 171 8.97 33.65 36.80
CA SER D 171 10.01 34.63 37.04
C SER D 171 9.95 35.74 35.98
N PRO D 172 10.63 36.89 36.22
CA PRO D 172 10.75 37.92 35.20
C PRO D 172 11.30 37.39 33.88
N GLN D 173 12.32 36.52 33.94
CA GLN D 173 12.95 35.96 32.76
C GLN D 173 11.98 35.06 32.00
N LEU D 174 11.12 34.32 32.70
CA LEU D 174 10.22 33.38 32.03
C LEU D 174 9.20 34.16 31.22
N VAL D 175 8.65 35.23 31.82
CA VAL D 175 7.74 36.12 31.13
C VAL D 175 8.41 36.68 29.89
N ILE D 176 9.64 37.16 30.04
CA ILE D 176 10.34 37.77 28.93
C ILE D 176 10.46 36.77 27.79
N ASN D 177 10.84 35.52 28.09
CA ASN D 177 11.06 34.50 27.07
C ASN D 177 9.78 34.29 26.28
N ALA D 178 8.65 34.18 26.98
CA ALA D 178 7.38 33.89 26.33
C ALA D 178 7.03 35.02 25.37
N VAL D 179 7.36 36.26 25.75
CA VAL D 179 6.99 37.40 24.94
C VAL D 179 7.85 37.43 23.67
N ASP D 180 9.17 37.26 23.83
CA ASP D 180 10.09 37.30 22.69
C ASP D 180 9.80 36.15 21.74
N ALA D 181 9.44 34.98 22.29
CA ALA D 181 9.07 33.84 21.46
C ALA D 181 7.82 34.16 20.66
N ALA D 182 6.82 34.77 21.33
CA ALA D 182 5.54 35.06 20.73
C ALA D 182 5.63 36.22 19.73
N VAL D 183 6.51 37.20 20.00
CA VAL D 183 6.68 38.35 19.12
C VAL D 183 7.30 37.90 17.81
N GLN D 184 8.40 37.13 17.89
CA GLN D 184 8.99 36.50 16.72
C GLN D 184 7.90 35.73 15.95
N THR D 185 7.07 34.95 16.65
CA THR D 185 5.96 34.24 16.02
C THR D 185 4.97 35.23 15.37
N CYS D 186 4.78 36.42 15.96
CA CYS D 186 3.87 37.42 15.42
C CYS D 186 4.35 37.95 14.07
N THR D 187 5.68 38.09 13.89
CA THR D 187 6.28 38.48 12.61
C THR D 187 5.81 37.49 11.54
N LEU D 188 5.91 36.20 11.84
CA LEU D 188 5.53 35.15 10.91
C LEU D 188 4.06 35.31 10.54
N LEU D 189 3.21 35.56 11.55
CA LEU D 189 1.76 35.65 11.36
C LEU D 189 1.40 36.94 10.60
N GLY D 190 2.33 37.88 10.48
CA GLY D 190 2.16 39.05 9.64
C GLY D 190 1.93 40.33 10.43
N VAL D 191 2.37 40.38 11.69
CA VAL D 191 2.25 41.57 12.52
C VAL D 191 3.64 41.89 13.09
N PRO D 192 4.45 42.67 12.34
CA PRO D 192 5.86 42.87 12.69
C PRO D 192 6.03 43.69 13.96
N LYS D 193 5.19 44.70 14.17
CA LYS D 193 5.29 45.57 15.33
C LYS D 193 3.99 45.53 16.14
N PRO D 194 3.80 44.48 16.98
CA PRO D 194 2.55 44.32 17.72
C PRO D 194 2.40 45.13 18.99
N GLN D 195 1.15 45.47 19.33
CA GLN D 195 0.81 46.04 20.63
C GLN D 195 0.48 44.92 21.62
N VAL D 196 1.27 44.82 22.69
CA VAL D 196 1.24 43.68 23.60
C VAL D 196 0.60 44.10 24.93
N ALA D 197 -0.31 43.26 25.43
CA ALA D 197 -0.84 43.43 26.77
C ALA D 197 -0.45 42.25 27.66
N VAL D 198 0.03 42.53 28.87
CA VAL D 198 0.43 41.49 29.80
C VAL D 198 -0.60 41.39 30.92
N PHE D 199 -1.09 40.17 31.16
CA PHE D 199 -2.02 39.91 32.25
C PHE D 199 -1.30 39.97 33.58
N GLY D 200 -2.04 40.40 34.60
CA GLY D 200 -1.59 40.28 35.98
C GLY D 200 -1.70 38.84 36.46
N ILE D 201 -0.81 38.47 37.38
CA ILE D 201 -0.89 37.18 38.04
C ILE D 201 -2.08 37.20 38.98
N ASN D 202 -2.20 38.30 39.73
CA ASN D 202 -3.26 38.43 40.72
C ASN D 202 -4.39 39.29 40.18
N PRO D 203 -5.61 39.18 40.76
CA PRO D 203 -6.71 40.07 40.46
C PRO D 203 -6.29 41.54 40.47
N HIS D 204 -6.71 42.27 39.41
CA HIS D 204 -6.44 43.69 39.24
C HIS D 204 -4.95 43.93 39.13
N ALA D 205 -4.21 42.95 38.59
CA ALA D 205 -2.76 42.96 38.63
C ALA D 205 -2.20 43.37 39.99
N SER D 206 -2.76 42.82 41.07
CA SER D 206 -2.33 43.04 42.45
C SER D 206 -2.77 44.38 43.01
N GLU D 207 -3.24 45.29 42.13
CA GLU D 207 -3.72 46.60 42.53
C GLU D 207 -2.66 47.24 43.41
N GLY D 208 -1.50 47.50 42.78
CA GLY D 208 -0.31 47.92 43.50
C GLY D 208 0.29 46.72 44.22
N GLN D 209 0.05 46.62 45.55
CA GLN D 209 0.44 45.45 46.32
C GLN D 209 -0.69 44.99 47.23
N LEU D 210 -1.89 45.55 47.05
CA LEU D 210 -3.01 45.26 47.94
C LEU D 210 -3.38 43.78 47.88
N PHE D 211 -3.35 43.18 46.69
CA PHE D 211 -3.70 41.77 46.52
C PHE D 211 -2.46 40.96 46.14
N GLY D 212 -1.40 41.01 46.96
CA GLY D 212 -0.21 40.20 46.73
C GLY D 212 0.98 40.98 46.16
N LEU D 213 2.17 40.37 46.25
CA LEU D 213 3.42 40.99 45.84
C LEU D 213 3.86 40.44 44.49
N GLU D 214 3.21 39.38 44.00
CA GLU D 214 3.71 38.66 42.83
C GLU D 214 3.92 39.60 41.65
N ASP D 215 2.98 40.50 41.39
CA ASP D 215 3.06 41.34 40.20
C ASP D 215 4.19 42.35 40.31
N SER D 216 4.44 42.87 41.52
CA SER D 216 5.58 43.73 41.80
C SER D 216 6.92 43.04 41.50
N GLN D 217 6.96 41.72 41.71
CA GLN D 217 8.19 40.96 41.66
C GLN D 217 8.47 40.45 40.25
N ILE D 218 7.41 40.30 39.43
CA ILE D 218 7.46 39.43 38.27
C ILE D 218 7.01 40.18 37.01
N THR D 219 5.75 40.62 36.93
CA THR D 219 5.23 41.15 35.68
C THR D 219 5.66 42.60 35.49
N VAL D 220 5.73 43.38 36.57
CA VAL D 220 6.08 44.79 36.48
C VAL D 220 7.52 44.89 36.01
N PRO D 221 8.54 44.25 36.66
CA PRO D 221 9.92 44.32 36.16
C PRO D 221 10.10 43.87 34.71
N ALA D 222 9.35 42.84 34.33
CA ALA D 222 9.45 42.25 33.00
C ALA D 222 8.93 43.21 31.92
N VAL D 223 7.90 44.01 32.25
CA VAL D 223 7.31 44.95 31.31
C VAL D 223 8.26 46.12 31.08
N GLU D 224 9.00 46.51 32.14
CA GLU D 224 9.94 47.61 32.03
C GLU D 224 11.15 47.17 31.20
N THR D 225 11.67 45.95 31.45
CA THR D 225 12.77 45.40 30.67
C THR D 225 12.38 45.32 29.20
N LEU D 226 11.12 44.97 28.92
CA LEU D 226 10.62 44.80 27.56
C LEU D 226 10.42 46.14 26.86
N ARG D 227 10.03 47.18 27.61
CA ARG D 227 9.94 48.51 27.02
C ARG D 227 11.34 49.03 26.66
N LYS D 228 12.32 48.86 27.54
CA LYS D 228 13.68 49.35 27.29
C LYS D 228 14.25 48.78 25.98
N ARG D 229 13.81 47.58 25.58
CA ARG D 229 14.23 46.98 24.32
C ARG D 229 13.35 47.43 23.15
N GLY D 230 12.41 48.35 23.39
CA GLY D 230 11.72 49.08 22.34
C GLY D 230 10.41 48.42 21.92
N LEU D 231 9.79 47.66 22.85
CA LEU D 231 8.52 46.99 22.61
C LEU D 231 7.37 47.82 23.17
N THR D 232 6.25 47.82 22.42
CA THR D 232 5.03 48.52 22.81
C THR D 232 4.21 47.59 23.69
N VAL D 233 4.24 47.85 25.00
CA VAL D 233 3.76 46.90 26.01
C VAL D 233 2.91 47.65 27.03
N ASP D 234 1.69 47.15 27.29
CA ASP D 234 0.84 47.67 28.36
C ASP D 234 0.76 46.63 29.47
N GLY D 235 0.81 47.09 30.73
CA GLY D 235 0.39 46.26 31.86
C GLY D 235 1.48 46.17 32.92
N PRO D 236 1.39 45.25 33.90
CA PRO D 236 0.30 44.27 33.98
C PRO D 236 -1.05 44.91 34.28
N MET D 237 -2.10 44.34 33.69
CA MET D 237 -3.47 44.75 33.97
C MET D 237 -4.29 43.52 34.29
N GLY D 238 -5.41 43.71 34.98
CA GLY D 238 -6.39 42.66 35.19
C GLY D 238 -6.83 42.04 33.86
N ALA D 239 -6.68 40.71 33.76
CA ALA D 239 -6.88 39.99 32.50
C ALA D 239 -8.27 40.28 31.97
N ASP D 240 -9.25 40.36 32.88
CA ASP D 240 -10.62 40.66 32.53
C ASP D 240 -10.72 42.03 31.85
N MET D 241 -10.11 43.05 32.46
CA MET D 241 -10.30 44.42 32.03
C MET D 241 -9.63 44.62 30.67
N VAL D 242 -8.37 44.19 30.54
CA VAL D 242 -7.58 44.52 29.35
C VAL D 242 -8.09 43.73 28.15
N LEU D 243 -8.46 42.46 28.38
CA LEU D 243 -8.95 41.60 27.34
C LEU D 243 -10.21 42.20 26.71
N ALA D 244 -11.02 42.84 27.57
CA ALA D 244 -12.33 43.34 27.18
C ALA D 244 -12.20 44.52 26.22
N GLN D 245 -11.10 45.26 26.30
CA GLN D 245 -10.90 46.48 25.53
C GLN D 245 -10.58 46.11 24.08
N ARG D 246 -9.89 45.00 23.84
CA ARG D 246 -9.71 44.48 22.50
C ARG D 246 -8.97 45.51 21.62
N LYS D 247 -7.76 45.89 22.04
CA LYS D 247 -6.96 46.84 21.26
C LYS D 247 -5.51 46.36 21.16
N HIS D 248 -5.29 45.05 21.28
CA HIS D 248 -3.92 44.53 21.31
C HIS D 248 -3.80 43.35 20.34
N ASP D 249 -2.60 43.16 19.78
CA ASP D 249 -2.35 42.09 18.83
C ASP D 249 -1.79 40.85 19.51
N LEU D 250 -1.46 40.95 20.80
CA LEU D 250 -0.92 39.84 21.55
C LEU D 250 -1.20 40.04 23.03
N TYR D 251 -1.86 39.07 23.66
CA TYR D 251 -2.04 39.08 25.11
C TYR D 251 -1.08 38.04 25.69
N VAL D 252 -0.55 38.31 26.89
CA VAL D 252 0.37 37.39 27.54
C VAL D 252 -0.29 36.86 28.81
N ALA D 253 -0.63 35.57 28.81
CA ALA D 253 -1.33 34.98 29.94
C ALA D 253 -0.33 34.32 30.86
N MET D 254 -0.56 34.43 32.16
CA MET D 254 0.32 33.85 33.17
C MET D 254 -0.04 32.40 33.44
N LEU D 255 -1.34 32.08 33.36
CA LEU D 255 -1.88 30.77 33.69
C LEU D 255 -2.72 30.23 32.54
N HIS D 256 -2.72 28.91 32.41
CA HIS D 256 -3.46 28.19 31.37
C HIS D 256 -4.85 28.81 31.17
N ASP D 257 -5.65 28.89 32.23
CA ASP D 257 -7.08 29.17 32.12
C ASP D 257 -7.32 30.60 31.65
N GLN D 258 -6.41 31.51 32.03
CA GLN D 258 -6.52 32.92 31.71
C GLN D 258 -6.62 33.12 30.21
N GLY D 259 -5.95 32.25 29.44
CA GLY D 259 -5.91 32.35 27.99
C GLY D 259 -6.89 31.38 27.32
N HIS D 260 -7.11 30.22 27.93
CA HIS D 260 -7.89 29.15 27.32
C HIS D 260 -9.39 29.49 27.39
N ILE D 261 -9.82 30.22 28.42
CA ILE D 261 -11.22 30.56 28.55
C ILE D 261 -11.65 31.51 27.42
N PRO D 262 -11.01 32.67 27.22
CA PRO D 262 -11.36 33.57 26.12
C PRO D 262 -11.42 32.92 24.75
N ILE D 263 -10.41 32.10 24.45
CA ILE D 263 -10.25 31.52 23.11
C ILE D 263 -11.37 30.54 22.84
N LYS D 264 -11.67 29.64 23.79
CA LYS D 264 -12.68 28.60 23.57
C LYS D 264 -14.09 29.18 23.62
N LEU D 265 -14.25 30.33 24.29
CA LEU D 265 -15.54 30.98 24.37
C LEU D 265 -15.85 31.70 23.04
N LEU D 266 -14.84 32.39 22.50
CA LEU D 266 -15.03 33.22 21.31
C LEU D 266 -14.79 32.44 20.03
N ALA D 267 -14.15 31.26 20.10
CA ALA D 267 -13.76 30.58 18.87
C ALA D 267 -13.78 29.07 19.04
N PRO D 268 -14.97 28.46 19.30
CA PRO D 268 -15.06 27.03 19.62
C PRO D 268 -14.72 26.08 18.47
N ASN D 269 -14.69 26.60 17.24
CA ASN D 269 -14.62 25.74 16.07
C ASN D 269 -13.42 26.03 15.18
N GLY D 270 -12.81 27.23 15.26
CA GLY D 270 -11.85 27.64 14.24
C GLY D 270 -10.56 28.22 14.82
N ALA D 271 -10.07 27.67 15.95
CA ALA D 271 -8.87 28.15 16.61
C ALA D 271 -7.64 27.33 16.23
N SER D 272 -6.46 27.93 16.33
CA SER D 272 -5.21 27.24 16.05
C SER D 272 -4.41 27.17 17.34
N ALA D 273 -3.69 26.07 17.57
CA ALA D 273 -2.74 25.96 18.67
C ALA D 273 -1.30 25.94 18.15
N LEU D 274 -0.54 26.98 18.47
CA LEU D 274 0.83 27.10 17.97
C LEU D 274 1.83 26.80 19.08
N SER D 275 2.63 25.76 18.85
CA SER D 275 3.74 25.42 19.74
C SER D 275 4.97 26.12 19.20
N ILE D 276 5.64 26.91 20.05
CA ILE D 276 6.75 27.77 19.68
C ILE D 276 7.99 27.36 20.47
N GLY D 277 9.11 27.16 19.78
CA GLY D 277 10.36 26.75 20.40
C GLY D 277 11.52 26.98 19.44
N GLY D 278 12.57 27.65 19.94
CA GLY D 278 13.64 28.08 19.05
C GLY D 278 13.05 28.88 17.89
N ARG D 279 13.40 28.47 16.67
CA ARG D 279 12.90 29.13 15.47
C ARG D 279 11.65 28.43 14.96
N VAL D 280 11.21 27.37 15.63
CA VAL D 280 10.23 26.47 15.08
C VAL D 280 8.83 26.87 15.56
N VAL D 281 7.92 27.10 14.59
CA VAL D 281 6.52 27.25 14.92
C VAL D 281 5.74 26.08 14.33
N LEU D 282 5.11 25.28 15.21
CA LEU D 282 4.38 24.09 14.81
C LEU D 282 2.91 24.27 15.16
N SER D 283 2.04 24.13 14.14
CA SER D 283 0.60 24.14 14.37
C SER D 283 -0.04 22.87 13.83
N SER D 284 -1.00 22.35 14.58
CA SER D 284 -1.88 21.31 14.08
C SER D 284 -2.96 21.94 13.22
N VAL D 285 -3.73 21.06 12.57
CA VAL D 285 -5.09 21.30 12.16
C VAL D 285 -5.97 21.07 13.39
N GLY D 286 -7.23 21.52 13.41
CA GLY D 286 -8.00 21.49 14.65
C GLY D 286 -8.84 20.23 14.82
N HIS D 287 -8.52 19.12 14.13
CA HIS D 287 -9.42 17.98 14.10
C HIS D 287 -8.66 16.65 14.13
N GLY D 288 -9.39 15.55 14.34
CA GLY D 288 -8.82 14.22 14.44
C GLY D 288 -8.59 13.57 13.08
N SER D 289 -8.15 12.31 13.11
CA SER D 289 -7.68 11.60 11.93
C SER D 289 -8.81 10.90 11.21
N ALA D 290 -9.98 10.82 11.84
CA ALA D 290 -11.20 10.39 11.17
C ALA D 290 -11.03 9.04 10.46
N MET D 291 -10.63 8.03 11.24
CA MET D 291 -10.31 6.72 10.71
C MET D 291 -11.47 6.11 9.92
N ASP D 292 -12.70 6.45 10.29
CA ASP D 292 -13.84 5.75 9.69
C ASP D 292 -14.03 6.15 8.24
N ILE D 293 -13.58 7.36 7.86
CA ILE D 293 -13.78 7.87 6.51
C ILE D 293 -12.44 7.91 5.75
N ALA D 294 -11.40 7.32 6.31
CA ALA D 294 -10.11 7.33 5.65
C ALA D 294 -10.17 6.55 4.34
N GLY D 295 -9.84 7.23 3.23
CA GLY D 295 -9.85 6.65 1.90
C GLY D 295 -11.21 6.74 1.22
N ARG D 296 -12.18 7.42 1.84
CA ARG D 296 -13.57 7.34 1.42
C ARG D 296 -14.00 8.65 0.76
N GLY D 297 -13.12 9.65 0.71
CA GLY D 297 -13.34 10.84 -0.13
C GLY D 297 -14.34 11.84 0.46
N VAL D 298 -14.32 11.97 1.79
CA VAL D 298 -15.34 12.68 2.56
C VAL D 298 -14.74 13.89 3.28
N ALA D 299 -13.43 13.85 3.53
CA ALA D 299 -12.76 14.88 4.29
C ALA D 299 -12.22 15.93 3.34
N ASP D 300 -12.53 17.20 3.63
CA ASP D 300 -12.09 18.32 2.81
C ASP D 300 -11.00 19.01 3.62
N ALA D 301 -10.29 19.88 2.92
CA ALA D 301 -8.99 20.35 3.38
C ALA D 301 -9.10 21.75 3.97
N THR D 302 -10.31 22.20 4.29
CA THR D 302 -10.59 23.56 4.74
C THR D 302 -9.72 23.95 5.94
N ALA D 303 -9.72 23.08 6.96
CA ALA D 303 -9.03 23.40 8.21
C ALA D 303 -7.52 23.48 8.00
N LEU D 304 -7.00 22.57 7.17
CA LEU D 304 -5.59 22.56 6.83
C LEU D 304 -5.24 23.83 6.04
N LEU D 305 -6.07 24.17 5.05
CA LEU D 305 -5.85 25.36 4.24
C LEU D 305 -5.88 26.60 5.10
N ARG D 306 -6.74 26.62 6.14
CA ARG D 306 -6.83 27.75 7.05
C ARG D 306 -5.57 27.85 7.91
N THR D 307 -4.95 26.71 8.23
CA THR D 307 -3.74 26.68 9.01
C THR D 307 -2.57 27.15 8.16
N ILE D 308 -2.53 26.66 6.92
CA ILE D 308 -1.51 27.07 5.97
C ILE D 308 -1.55 28.58 5.78
N ALA D 309 -2.75 29.16 5.62
CA ALA D 309 -2.95 30.58 5.41
C ALA D 309 -2.45 31.41 6.58
N LEU D 310 -2.59 30.86 7.79
CA LEU D 310 -2.24 31.58 9.01
C LEU D 310 -0.73 31.62 9.19
N LEU D 311 -0.10 30.46 8.98
CA LEU D 311 1.36 30.32 9.09
C LEU D 311 2.06 30.84 7.83
N GLY D 312 1.36 31.03 6.72
CA GLY D 312 2.01 31.47 5.50
C GLY D 312 1.68 32.92 5.17
N ALA D 313 1.43 33.77 6.17
CA ALA D 313 0.95 35.12 5.89
C ALA D 313 2.10 35.99 5.37
N GLN D 314 1.74 37.03 4.62
CA GLN D 314 2.72 37.93 4.01
C GLN D 314 3.28 38.92 5.04
N PRO D 315 4.60 39.25 4.99
CA PRO D 315 5.15 40.29 5.86
C PRO D 315 4.38 41.60 5.72
C1 EDO E . 19.72 -17.45 8.40
O1 EDO E . 18.43 -18.04 8.10
C2 EDO E . 20.79 -17.90 7.46
O2 EDO E . 22.10 -17.47 7.77
H11 EDO E . 19.97 -17.71 9.31
H12 EDO E . 19.65 -16.47 8.37
HO1 EDO E . 17.80 -17.60 8.80
H21 EDO E . 20.56 -17.57 6.56
H22 EDO E . 20.78 -18.88 7.43
HO2 EDO E . 22.57 -17.59 7.17
ZN ZN F . 29.19 -13.81 -6.05
MG MG G . 42.12 -9.26 -29.16
MG MG H . 31.10 -18.48 -9.51
ZN ZN I . -14.55 -21.77 -16.47
ZN ZN J . -22.25 -6.86 3.15
MG MG K . -16.24 -13.65 1.03
C1' PHB L . -6.50 22.45 25.67
O1' PHB L . -6.76 22.11 26.83
O2' PHB L . -7.31 22.99 24.90
C1 PHB L . -5.10 22.29 25.19
C2 PHB L . -4.56 23.15 24.24
C3 PHB L . -3.28 22.94 23.74
C4 PHB L . -2.54 21.85 24.18
C5 PHB L . -3.10 20.97 25.09
C6 PHB L . -4.39 21.18 25.57
O4 PHB L . -1.25 21.58 23.76
H2 PHB L . -5.06 23.89 23.95
H3 PHB L . -2.92 23.55 23.14
H5 PHB L . -2.61 20.23 25.39
H6 PHB L . -4.75 20.58 26.19
HO4 PHB L . -0.86 20.91 24.09
C1 GOL M . -6.83 10.48 18.10
O1 GOL M . -6.06 11.60 18.57
C2 GOL M . -7.82 10.85 17.00
O2 GOL M . -7.28 10.57 15.69
C3 GOL M . -9.14 10.13 17.19
O3 GOL M . -9.98 10.77 18.14
H11 GOL M . -7.32 10.10 18.86
H12 GOL M . -6.22 9.79 17.75
HO1 GOL M . -5.64 11.12 19.39
H2 GOL M . -7.98 11.82 17.06
HO2 GOL M . -7.13 9.68 15.71
H31 GOL M . -8.98 9.20 17.48
H32 GOL M . -9.62 10.10 16.32
HO3 GOL M . -10.72 10.52 18.18
ZN ZN N . -4.87 22.74 28.03
#